data_7W9A
# 
_entry.id   7W9A 
# 
_audit_conform.dict_name       mmcif_pdbx.dic 
_audit_conform.dict_version    5.398 
_audit_conform.dict_location   http://mmcif.pdb.org/dictionaries/ascii/mmcif_pdbx.dic 
# 
loop_
_database_2.database_id 
_database_2.database_code 
_database_2.pdbx_database_accession 
_database_2.pdbx_DOI 
PDB   7W9A         pdb_00007w9a 10.2210/pdb7w9a/pdb 
WWPDB D_1300025033 ?            ?                   
# 
loop_
_pdbx_audit_revision_history.ordinal 
_pdbx_audit_revision_history.data_content_type 
_pdbx_audit_revision_history.major_revision 
_pdbx_audit_revision_history.minor_revision 
_pdbx_audit_revision_history.revision_date 
1 'Structure model' 1 0 2022-07-13 
2 'Structure model' 1 1 2022-07-27 
3 'Structure model' 1 2 2023-07-19 
4 'Structure model' 1 3 2023-11-29 
5 'Structure model' 1 4 2024-11-06 
# 
_pdbx_audit_revision_details.ordinal             1 
_pdbx_audit_revision_details.revision_ordinal    1 
_pdbx_audit_revision_details.data_content_type   'Structure model' 
_pdbx_audit_revision_details.provider            repository 
_pdbx_audit_revision_details.type                'Initial release' 
_pdbx_audit_revision_details.description         ? 
_pdbx_audit_revision_details.details             ? 
# 
loop_
_pdbx_audit_revision_group.ordinal 
_pdbx_audit_revision_group.revision_ordinal 
_pdbx_audit_revision_group.data_content_type 
_pdbx_audit_revision_group.group 
1 2 'Structure model' 'Database references'    
2 3 'Structure model' 'Database references'    
3 4 'Structure model' 'Data collection'        
4 4 'Structure model' 'Refinement description' 
5 5 'Structure model' 'Structure summary'      
# 
loop_
_pdbx_audit_revision_category.ordinal 
_pdbx_audit_revision_category.revision_ordinal 
_pdbx_audit_revision_category.data_content_type 
_pdbx_audit_revision_category.category 
1 2 'Structure model' citation                      
2 2 'Structure model' citation_author               
3 3 'Structure model' citation                      
4 3 'Structure model' citation_author               
5 4 'Structure model' chem_comp_atom                
6 4 'Structure model' chem_comp_bond                
7 4 'Structure model' pdbx_initial_refinement_model 
8 5 'Structure model' pdbx_entry_details            
9 5 'Structure model' pdbx_modification_feature     
# 
loop_
_pdbx_audit_revision_item.ordinal 
_pdbx_audit_revision_item.revision_ordinal 
_pdbx_audit_revision_item.data_content_type 
_pdbx_audit_revision_item.item 
1  2 'Structure model' '_citation.page_first'                         
2  2 'Structure model' '_citation.page_last'                          
3  2 'Structure model' '_citation.pdbx_database_id_PubMed'            
4  2 'Structure model' '_citation.title'                              
5  2 'Structure model' '_citation_author.identifier_ORCID'            
6  3 'Structure model' '_citation.journal_volume'                     
7  3 'Structure model' '_citation.page_first'                         
8  3 'Structure model' '_citation.page_last'                          
9  3 'Structure model' '_citation.title'                              
10 3 'Structure model' '_citation.year'                               
11 3 'Structure model' '_citation_author.identifier_ORCID'            
12 5 'Structure model' '_pdbx_entry_details.has_protein_modification' 
# 
_pdbx_database_status.status_code                     REL 
_pdbx_database_status.status_code_sf                  REL 
_pdbx_database_status.status_code_mr                  ? 
_pdbx_database_status.entry_id                        7W9A 
_pdbx_database_status.recvd_initial_deposition_date   2021-12-09 
_pdbx_database_status.SG_entry                        N 
_pdbx_database_status.deposit_site                    PDBJ 
_pdbx_database_status.process_site                    PDBJ 
_pdbx_database_status.status_code_cs                  ? 
_pdbx_database_status.status_code_nmr_data            ? 
_pdbx_database_status.methods_development_category    ? 
_pdbx_database_status.pdb_format_compatible           Y 
# 
_pdbx_database_related.db_name        PDB 
_pdbx_database_related.details        '6IWP contains the same protein complexed with Lauric acid' 
_pdbx_database_related.db_id          6IWP 
_pdbx_database_related.content_type   unspecified 
# 
_pdbx_contact_author.id                 2 
_pdbx_contact_author.email              zaidkmadni@gmail.com 
_pdbx_contact_author.name_first         Zaid 
_pdbx_contact_author.name_last          Madni 
_pdbx_contact_author.name_mi            K. 
_pdbx_contact_author.role               'principal investigator/group leader' 
_pdbx_contact_author.identifier_ORCID   0000-0002-7800-965X 
# 
loop_
_audit_author.name 
_audit_author.pdbx_ordinal 
_audit_author.identifier_ORCID 
'Madni, Z.K.'   1 0000-0002-7800-965X 
'Kumar, A.'     2 0000-0002-8186-3320 
'Salunke, D.M.' 3 0000-0001-9003-7373 
# 
_citation.abstract                  ? 
_citation.abstract_id_CAS           ? 
_citation.book_id_ISBN              ? 
_citation.book_publisher            ? 
_citation.book_publisher_city       ? 
_citation.book_title                ? 
_citation.coordinate_linkage        ? 
_citation.country                   US 
_citation.database_id_Medline       ? 
_citation.details                   ? 
_citation.id                        primary 
_citation.journal_abbrev            J.Biomol.Struct.Dyn. 
_citation.journal_id_ASTM           JBSDD6 
_citation.journal_id_CSD            0646 
_citation.journal_id_ISSN           1538-0254 
_citation.journal_full              ? 
_citation.journal_issue             ? 
_citation.journal_volume            41 
_citation.language                  ? 
_citation.page_first                5839 
_citation.page_last                 5849 
_citation.title                     
'Dynamics of lipid displacement inside the hydrophobic cavity of a nonspecific lipid transfer protein from Solanum melongena .' 
_citation.year                      2023 
_citation.database_id_CSD           ? 
_citation.pdbx_database_id_DOI      10.1080/07391102.2022.2097956 
_citation.pdbx_database_id_PubMed   35838149 
_citation.pdbx_database_id_patent   ? 
_citation.unpublished_flag          ? 
# 
loop_
_citation_author.citation_id 
_citation_author.name 
_citation_author.ordinal 
_citation_author.identifier_ORCID 
primary 'Madni, Z.K.'   1 ? 
primary 'Kumar, A.'     2 ? 
primary 'Kumar, U.'     3 ? 
primary 'Jaiswal, D.'   4 ? 
primary 'Salunke, D.M.' 5 ? 
# 
loop_
_entity.id 
_entity.type 
_entity.src_method 
_entity.pdbx_description 
_entity.formula_weight 
_entity.pdbx_number_of_molecules 
_entity.pdbx_ec 
_entity.pdbx_mutation 
_entity.pdbx_fragment 
_entity.details 
1 polymer     nat 'Non-specific lipid-transfer protein' 9404.618 1  ? ? ? ? 
2 non-polymer syn 'LAURIC ACID'                         200.318  2  ? ? ? ? 
3 water       nat water                                 18.015   13 ? ? ? ? 
# 
_entity_poly.entity_id                      1 
_entity_poly.type                           'polypeptide(L)' 
_entity_poly.nstd_linkage                   no 
_entity_poly.nstd_monomer                   no 
_entity_poly.pdbx_seq_one_letter_code       
;AVTCGQVDANLAPCVPFLTQGGEPGAACCSGVKTLNGNAQSPDDRKTACNCIKAAANRYPNLKDDAAQSLPSKCGISLNV
PISRTINCDTIS
;
_entity_poly.pdbx_seq_one_letter_code_can   
;AVTCGQVDANLAPCVPFLTQGGEPGAACCSGVKTLNGNAQSPDDRKTACNCIKAAANRYPNLKDDAAQSLPSKCGISLNV
PISRTINCDTIS
;
_entity_poly.pdbx_strand_id                 A 
_entity_poly.pdbx_target_identifier         ? 
# 
loop_
_pdbx_entity_nonpoly.entity_id 
_pdbx_entity_nonpoly.name 
_pdbx_entity_nonpoly.comp_id 
2 'LAURIC ACID' DAO 
3 water         HOH 
# 
loop_
_entity_poly_seq.entity_id 
_entity_poly_seq.num 
_entity_poly_seq.mon_id 
_entity_poly_seq.hetero 
1 1  ALA n 
1 2  VAL n 
1 3  THR n 
1 4  CYS n 
1 5  GLY n 
1 6  GLN n 
1 7  VAL n 
1 8  ASP n 
1 9  ALA n 
1 10 ASN n 
1 11 LEU n 
1 12 ALA n 
1 13 PRO n 
1 14 CYS n 
1 15 VAL n 
1 16 PRO n 
1 17 PHE n 
1 18 LEU n 
1 19 THR n 
1 20 GLN n 
1 21 GLY n 
1 22 GLY n 
1 23 GLU n 
1 24 PRO n 
1 25 GLY n 
1 26 ALA n 
1 27 ALA n 
1 28 CYS n 
1 29 CYS n 
1 30 SER n 
1 31 GLY n 
1 32 VAL n 
1 33 LYS n 
1 34 THR n 
1 35 LEU n 
1 36 ASN n 
1 37 GLY n 
1 38 ASN n 
1 39 ALA n 
1 40 GLN n 
1 41 SER n 
1 42 PRO n 
1 43 ASP n 
1 44 ASP n 
1 45 ARG n 
1 46 LYS n 
1 47 THR n 
1 48 ALA n 
1 49 CYS n 
1 50 ASN n 
1 51 CYS n 
1 52 ILE n 
1 53 LYS n 
1 54 ALA n 
1 55 ALA n 
1 56 ALA n 
1 57 ASN n 
1 58 ARG n 
1 59 TYR n 
1 60 PRO n 
1 61 ASN n 
1 62 LEU n 
1 63 LYS n 
1 64 ASP n 
1 65 ASP n 
1 66 ALA n 
1 67 ALA n 
1 68 GLN n 
1 69 SER n 
1 70 LEU n 
1 71 PRO n 
1 72 SER n 
1 73 LYS n 
1 74 CYS n 
1 75 GLY n 
1 76 ILE n 
1 77 SER n 
1 78 LEU n 
1 79 ASN n 
1 80 VAL n 
1 81 PRO n 
1 82 ILE n 
1 83 SER n 
1 84 ARG n 
1 85 THR n 
1 86 ILE n 
1 87 ASN n 
1 88 CYS n 
1 89 ASP n 
1 90 THR n 
1 91 ILE n 
1 92 SER n 
# 
_entity_src_nat.entity_id                  1 
_entity_src_nat.pdbx_src_id                1 
_entity_src_nat.pdbx_alt_source_flag       sample 
_entity_src_nat.pdbx_beg_seq_num           1 
_entity_src_nat.pdbx_end_seq_num           92 
_entity_src_nat.common_name                eggplant 
_entity_src_nat.pdbx_organism_scientific   'Solanum melongena' 
_entity_src_nat.pdbx_ncbi_taxonomy_id      4111 
_entity_src_nat.genus                      ? 
_entity_src_nat.species                    ? 
_entity_src_nat.strain                     ? 
_entity_src_nat.tissue                     ? 
_entity_src_nat.tissue_fraction            ? 
_entity_src_nat.pdbx_secretion             ? 
_entity_src_nat.pdbx_fragment              ? 
_entity_src_nat.pdbx_variant               ? 
_entity_src_nat.pdbx_cell_line             ? 
_entity_src_nat.pdbx_atcc                  ? 
_entity_src_nat.pdbx_cellular_location     ? 
_entity_src_nat.pdbx_organ                 ? 
_entity_src_nat.pdbx_organelle             ? 
_entity_src_nat.pdbx_cell                  ? 
_entity_src_nat.pdbx_plasmid_name          ? 
_entity_src_nat.pdbx_plasmid_details       ? 
_entity_src_nat.details                    ? 
# 
loop_
_chem_comp.id 
_chem_comp.type 
_chem_comp.mon_nstd_flag 
_chem_comp.name 
_chem_comp.pdbx_synonyms 
_chem_comp.formula 
_chem_comp.formula_weight 
ALA 'L-peptide linking' y ALANINE         ? 'C3 H7 N O2'     89.093  
ARG 'L-peptide linking' y ARGININE        ? 'C6 H15 N4 O2 1' 175.209 
ASN 'L-peptide linking' y ASPARAGINE      ? 'C4 H8 N2 O3'    132.118 
ASP 'L-peptide linking' y 'ASPARTIC ACID' ? 'C4 H7 N O4'     133.103 
CYS 'L-peptide linking' y CYSTEINE        ? 'C3 H7 N O2 S'   121.158 
DAO non-polymer         . 'LAURIC ACID'   ? 'C12 H24 O2'     200.318 
GLN 'L-peptide linking' y GLUTAMINE       ? 'C5 H10 N2 O3'   146.144 
GLU 'L-peptide linking' y 'GLUTAMIC ACID' ? 'C5 H9 N O4'     147.129 
GLY 'peptide linking'   y GLYCINE         ? 'C2 H5 N O2'     75.067  
HOH non-polymer         . WATER           ? 'H2 O'           18.015  
ILE 'L-peptide linking' y ISOLEUCINE      ? 'C6 H13 N O2'    131.173 
LEU 'L-peptide linking' y LEUCINE         ? 'C6 H13 N O2'    131.173 
LYS 'L-peptide linking' y LYSINE          ? 'C6 H15 N2 O2 1' 147.195 
PHE 'L-peptide linking' y PHENYLALANINE   ? 'C9 H11 N O2'    165.189 
PRO 'L-peptide linking' y PROLINE         ? 'C5 H9 N O2'     115.130 
SER 'L-peptide linking' y SERINE          ? 'C3 H7 N O3'     105.093 
THR 'L-peptide linking' y THREONINE       ? 'C4 H9 N O3'     119.119 
TYR 'L-peptide linking' y TYROSINE        ? 'C9 H11 N O3'    181.189 
VAL 'L-peptide linking' y VALINE          ? 'C5 H11 N O2'    117.146 
# 
loop_
_pdbx_poly_seq_scheme.asym_id 
_pdbx_poly_seq_scheme.entity_id 
_pdbx_poly_seq_scheme.seq_id 
_pdbx_poly_seq_scheme.mon_id 
_pdbx_poly_seq_scheme.ndb_seq_num 
_pdbx_poly_seq_scheme.pdb_seq_num 
_pdbx_poly_seq_scheme.auth_seq_num 
_pdbx_poly_seq_scheme.pdb_mon_id 
_pdbx_poly_seq_scheme.auth_mon_id 
_pdbx_poly_seq_scheme.pdb_strand_id 
_pdbx_poly_seq_scheme.pdb_ins_code 
_pdbx_poly_seq_scheme.hetero 
A 1 1  ALA 1  0  ?  ?   ?   A . n 
A 1 2  VAL 2  1  1  VAL VAL A . n 
A 1 3  THR 3  2  2  THR THR A . n 
A 1 4  CYS 4  3  3  CYS CYS A . n 
A 1 5  GLY 5  4  4  GLY GLY A . n 
A 1 6  GLN 6  5  5  GLN GLN A . n 
A 1 7  VAL 7  6  6  VAL VAL A . n 
A 1 8  ASP 8  7  7  ASP ASP A . n 
A 1 9  ALA 9  8  8  ALA ALA A . n 
A 1 10 ASN 10 9  9  ASN ASN A . n 
A 1 11 LEU 11 10 10 LEU LEU A . n 
A 1 12 ALA 12 11 11 ALA ALA A . n 
A 1 13 PRO 13 12 12 PRO PRO A . n 
A 1 14 CYS 14 13 13 CYS CYS A . n 
A 1 15 VAL 15 14 14 VAL VAL A . n 
A 1 16 PRO 16 15 15 PRO PRO A . n 
A 1 17 PHE 17 16 16 PHE PHE A . n 
A 1 18 LEU 18 17 17 LEU LEU A . n 
A 1 19 THR 19 18 18 THR THR A . n 
A 1 20 GLN 20 19 19 GLN GLN A . n 
A 1 21 GLY 21 20 20 GLY GLY A . n 
A 1 22 GLY 22 21 21 GLY GLY A . n 
A 1 23 GLU 23 22 22 GLU GLU A . n 
A 1 24 PRO 24 23 23 PRO PRO A . n 
A 1 25 GLY 25 24 24 GLY GLY A . n 
A 1 26 ALA 26 25 25 ALA ALA A . n 
A 1 27 ALA 27 26 26 ALA ALA A . n 
A 1 28 CYS 28 27 27 CYS CYS A . n 
A 1 29 CYS 29 28 28 CYS CYS A . n 
A 1 30 SER 30 29 29 SER SER A . n 
A 1 31 GLY 31 30 30 GLY GLY A . n 
A 1 32 VAL 32 31 31 VAL VAL A . n 
A 1 33 LYS 33 32 32 LYS LYS A . n 
A 1 34 THR 34 33 33 THR THR A . n 
A 1 35 LEU 35 34 34 LEU LEU A . n 
A 1 36 ASN 36 35 35 ASN ASN A . n 
A 1 37 GLY 37 36 36 GLY GLY A . n 
A 1 38 ASN 38 37 37 ASN ASN A . n 
A 1 39 ALA 39 38 38 ALA ALA A . n 
A 1 40 GLN 40 39 39 GLN GLN A . n 
A 1 41 SER 41 40 40 SER SER A . n 
A 1 42 PRO 42 41 41 PRO PRO A . n 
A 1 43 ASP 43 42 42 ASP ASP A . n 
A 1 44 ASP 44 43 43 ASP ASP A . n 
A 1 45 ARG 45 44 44 ARG ARG A . n 
A 1 46 LYS 46 45 45 LYS LYS A . n 
A 1 47 THR 47 46 46 THR THR A . n 
A 1 48 ALA 48 47 47 ALA ALA A . n 
A 1 49 CYS 49 48 48 CYS CYS A . n 
A 1 50 ASN 50 49 49 ASN ASN A . n 
A 1 51 CYS 51 50 50 CYS CYS A . n 
A 1 52 ILE 52 51 51 ILE ILE A . n 
A 1 53 LYS 53 52 52 LYS LYS A . n 
A 1 54 ALA 54 53 53 ALA ALA A . n 
A 1 55 ALA 55 54 54 ALA ALA A . n 
A 1 56 ALA 56 55 55 ALA ALA A . n 
A 1 57 ASN 57 56 56 ASN ASN A . n 
A 1 58 ARG 58 57 57 ARG ARG A . n 
A 1 59 TYR 59 58 58 TYR TYR A . n 
A 1 60 PRO 60 59 59 PRO PRO A . n 
A 1 61 ASN 61 60 60 ASN ASN A . n 
A 1 62 LEU 62 61 61 LEU LEU A . n 
A 1 63 LYS 63 62 62 LYS LYS A . n 
A 1 64 ASP 64 63 63 ASP ASP A . n 
A 1 65 ASP 65 64 64 ASP ASP A . n 
A 1 66 ALA 66 65 65 ALA ALA A . n 
A 1 67 ALA 67 66 66 ALA ALA A . n 
A 1 68 GLN 68 67 67 GLN GLN A . n 
A 1 69 SER 69 68 68 SER SER A . n 
A 1 70 LEU 70 69 69 LEU LEU A . n 
A 1 71 PRO 71 70 70 PRO PRO A . n 
A 1 72 SER 72 71 71 SER SER A . n 
A 1 73 LYS 73 72 72 LYS LYS A . n 
A 1 74 CYS 74 73 73 CYS CYS A . n 
A 1 75 GLY 75 74 74 GLY GLY A . n 
A 1 76 ILE 76 75 75 ILE ILE A . n 
A 1 77 SER 77 76 76 SER SER A . n 
A 1 78 LEU 78 77 77 LEU LEU A . n 
A 1 79 ASN 79 78 78 ASN ASN A . n 
A 1 80 VAL 80 79 79 VAL VAL A . n 
A 1 81 PRO 81 80 80 PRO PRO A . n 
A 1 82 ILE 82 81 81 ILE ILE A . n 
A 1 83 SER 83 82 82 SER SER A . n 
A 1 84 ARG 84 83 83 ARG ARG A . n 
A 1 85 THR 85 84 84 THR THR A . n 
A 1 86 ILE 86 85 85 ILE ILE A . n 
A 1 87 ASN 87 86 86 ASN ASN A . n 
A 1 88 CYS 88 87 87 CYS CYS A . n 
A 1 89 ASP 89 88 88 ASP ASP A . n 
A 1 90 THR 90 89 89 THR THR A . n 
A 1 91 ILE 91 90 90 ILE ILE A . n 
A 1 92 SER 92 91 ?  ?   ?   A . n 
# 
_pdbx_entity_instance_feature.ordinal        1 
_pdbx_entity_instance_feature.comp_id        DAO 
_pdbx_entity_instance_feature.asym_id        ? 
_pdbx_entity_instance_feature.seq_num        ? 
_pdbx_entity_instance_feature.auth_comp_id   DAO 
_pdbx_entity_instance_feature.auth_asym_id   ? 
_pdbx_entity_instance_feature.auth_seq_num   ? 
_pdbx_entity_instance_feature.feature_type   'SUBJECT OF INVESTIGATION' 
_pdbx_entity_instance_feature.details        ? 
# 
loop_
_pdbx_nonpoly_scheme.asym_id 
_pdbx_nonpoly_scheme.entity_id 
_pdbx_nonpoly_scheme.mon_id 
_pdbx_nonpoly_scheme.ndb_seq_num 
_pdbx_nonpoly_scheme.pdb_seq_num 
_pdbx_nonpoly_scheme.auth_seq_num 
_pdbx_nonpoly_scheme.pdb_mon_id 
_pdbx_nonpoly_scheme.auth_mon_id 
_pdbx_nonpoly_scheme.pdb_strand_id 
_pdbx_nonpoly_scheme.pdb_ins_code 
B 2 DAO 1  101 1  DAO DAO A . 
C 2 DAO 1  102 2  DAO DAO A . 
D 3 HOH 1  201 11 HOH HOH A . 
D 3 HOH 2  202 5  HOH HOH A . 
D 3 HOH 3  203 17 HOH HOH A . 
D 3 HOH 4  204 12 HOH HOH A . 
D 3 HOH 5  205 15 HOH HOH A . 
D 3 HOH 6  206 18 HOH HOH A . 
D 3 HOH 7  207 6  HOH HOH A . 
D 3 HOH 8  208 2  HOH HOH A . 
D 3 HOH 9  209 13 HOH HOH A . 
D 3 HOH 10 210 1  HOH HOH A . 
D 3 HOH 11 211 14 HOH HOH A . 
D 3 HOH 12 212 7  HOH HOH A . 
D 3 HOH 13 213 16 HOH HOH A . 
# 
loop_
_pdbx_unobs_or_zero_occ_atoms.id 
_pdbx_unobs_or_zero_occ_atoms.PDB_model_num 
_pdbx_unobs_or_zero_occ_atoms.polymer_flag 
_pdbx_unobs_or_zero_occ_atoms.occupancy_flag 
_pdbx_unobs_or_zero_occ_atoms.auth_asym_id 
_pdbx_unobs_or_zero_occ_atoms.auth_comp_id 
_pdbx_unobs_or_zero_occ_atoms.auth_seq_id 
_pdbx_unobs_or_zero_occ_atoms.PDB_ins_code 
_pdbx_unobs_or_zero_occ_atoms.auth_atom_id 
_pdbx_unobs_or_zero_occ_atoms.label_alt_id 
_pdbx_unobs_or_zero_occ_atoms.label_asym_id 
_pdbx_unobs_or_zero_occ_atoms.label_comp_id 
_pdbx_unobs_or_zero_occ_atoms.label_seq_id 
_pdbx_unobs_or_zero_occ_atoms.label_atom_id 
1 1 Y 1 A ASP 64 ? CG  ? A ASP 65 CG  
2 1 Y 1 A ASP 64 ? OD1 ? A ASP 65 OD1 
3 1 Y 1 A ASP 64 ? OD2 ? A ASP 65 OD2 
4 1 Y 1 A ILE 75 ? CD1 ? A ILE 76 CD1 
# 
loop_
_software.citation_id 
_software.classification 
_software.compiler_name 
_software.compiler_version 
_software.contact_author 
_software.contact_author_email 
_software.date 
_software.description 
_software.dependencies 
_software.hardware 
_software.language 
_software.location 
_software.mods 
_software.name 
_software.os 
_software.os_version 
_software.type 
_software.version 
_software.pdbx_ordinal 
? refinement       ? ? ? ? ? ? ? ? ? ? ? PHENIX   ? ? ? 1.19.2_4158 1 
? 'data reduction' ? ? ? ? ? ? ? ? ? ? ? HKL-3000 ? ? ? .           2 
? 'data scaling'   ? ? ? ? ? ? ? ? ? ? ? HKL-3000 ? ? ? .           3 
? phasing          ? ? ? ? ? ? ? ? ? ? ? MOLREP   ? ? ? .           4 
# 
_cell.angle_alpha                  90.000 
_cell.angle_alpha_esd              ? 
_cell.angle_beta                   90.000 
_cell.angle_beta_esd               ? 
_cell.angle_gamma                  90.000 
_cell.angle_gamma_esd              ? 
_cell.entry_id                     7W9A 
_cell.details                      ? 
_cell.formula_units_Z              ? 
_cell.length_a                     39.245 
_cell.length_a_esd                 ? 
_cell.length_b                     39.245 
_cell.length_b_esd                 ? 
_cell.length_c                     94.716 
_cell.length_c_esd                 ? 
_cell.volume                       145878.744 
_cell.volume_esd                   ? 
_cell.Z_PDB                        8 
_cell.reciprocal_angle_alpha       ? 
_cell.reciprocal_angle_beta        ? 
_cell.reciprocal_angle_gamma       ? 
_cell.reciprocal_angle_alpha_esd   ? 
_cell.reciprocal_angle_beta_esd    ? 
_cell.reciprocal_angle_gamma_esd   ? 
_cell.reciprocal_length_a          ? 
_cell.reciprocal_length_b          ? 
_cell.reciprocal_length_c          ? 
_cell.reciprocal_length_a_esd      ? 
_cell.reciprocal_length_b_esd      ? 
_cell.reciprocal_length_c_esd      ? 
_cell.pdbx_unique_axis             ? 
# 
_symmetry.entry_id                         7W9A 
_symmetry.cell_setting                     ? 
_symmetry.Int_Tables_number                80 
_symmetry.space_group_name_Hall            'I 4bw' 
_symmetry.space_group_name_H-M             'I 41' 
_symmetry.pdbx_full_space_group_name_H-M   ? 
# 
_exptl.absorpt_coefficient_mu     ? 
_exptl.absorpt_correction_T_max   ? 
_exptl.absorpt_correction_T_min   ? 
_exptl.absorpt_correction_type    ? 
_exptl.absorpt_process_details    ? 
_exptl.entry_id                   7W9A 
_exptl.crystals_number            1 
_exptl.details                    ? 
_exptl.method                     'X-RAY DIFFRACTION' 
_exptl.method_details             ? 
# 
_exptl_crystal.colour                      ? 
_exptl_crystal.density_diffrn              ? 
_exptl_crystal.density_Matthews            1.94 
_exptl_crystal.density_method              ? 
_exptl_crystal.density_percent_sol         36.56 
_exptl_crystal.description                 ? 
_exptl_crystal.F_000                       ? 
_exptl_crystal.id                          1 
_exptl_crystal.preparation                 ? 
_exptl_crystal.size_max                    ? 
_exptl_crystal.size_mid                    ? 
_exptl_crystal.size_min                    ? 
_exptl_crystal.size_rad                    ? 
_exptl_crystal.colour_lustre               ? 
_exptl_crystal.colour_modifier             ? 
_exptl_crystal.colour_primary              ? 
_exptl_crystal.density_meas                ? 
_exptl_crystal.density_meas_esd            ? 
_exptl_crystal.density_meas_gt             ? 
_exptl_crystal.density_meas_lt             ? 
_exptl_crystal.density_meas_temp           ? 
_exptl_crystal.density_meas_temp_esd       ? 
_exptl_crystal.density_meas_temp_gt        ? 
_exptl_crystal.density_meas_temp_lt        ? 
_exptl_crystal.pdbx_crystal_image_url      ? 
_exptl_crystal.pdbx_crystal_image_format   ? 
_exptl_crystal.pdbx_mosaicity              ? 
_exptl_crystal.pdbx_mosaicity_esd          ? 
# 
_exptl_crystal_grow.apparatus       ? 
_exptl_crystal_grow.atmosphere      ? 
_exptl_crystal_grow.crystal_id      1 
_exptl_crystal_grow.details         ? 
_exptl_crystal_grow.method          'VAPOR DIFFUSION, HANGING DROP' 
_exptl_crystal_grow.method_ref      ? 
_exptl_crystal_grow.pH              7.5 
_exptl_crystal_grow.pressure        ? 
_exptl_crystal_grow.pressure_esd    ? 
_exptl_crystal_grow.seeding         ? 
_exptl_crystal_grow.seeding_ref     ? 
_exptl_crystal_grow.temp            295.15 
_exptl_crystal_grow.temp_details    ? 
_exptl_crystal_grow.temp_esd        ? 
_exptl_crystal_grow.time            ? 
_exptl_crystal_grow.pdbx_details    '0.1M HEPES at pH 7.5 and 1.5M Ammonium sulfate' 
_exptl_crystal_grow.pdbx_pH_range   ? 
# 
_diffrn.ambient_environment              ? 
_diffrn.ambient_temp                     100 
_diffrn.ambient_temp_details             ? 
_diffrn.ambient_temp_esd                 ? 
_diffrn.crystal_id                       1 
_diffrn.crystal_support                  ? 
_diffrn.crystal_treatment                ? 
_diffrn.details                          ? 
_diffrn.id                               1 
_diffrn.ambient_pressure                 ? 
_diffrn.ambient_pressure_esd             ? 
_diffrn.ambient_pressure_gt              ? 
_diffrn.ambient_pressure_lt              ? 
_diffrn.ambient_temp_gt                  ? 
_diffrn.ambient_temp_lt                  ? 
_diffrn.pdbx_serial_crystal_experiment   N 
# 
_diffrn_detector.details                      ? 
_diffrn_detector.detector                     'IMAGE PLATE' 
_diffrn_detector.diffrn_id                    1 
_diffrn_detector.type                         'RIGAKU RAXIS IV++' 
_diffrn_detector.area_resol_mean              ? 
_diffrn_detector.dtime                        ? 
_diffrn_detector.pdbx_frames_total            ? 
_diffrn_detector.pdbx_collection_time_total   ? 
_diffrn_detector.pdbx_collection_date         2016-05-26 
_diffrn_detector.pdbx_frequency               ? 
# 
_diffrn_radiation.collimation                      ? 
_diffrn_radiation.diffrn_id                        1 
_diffrn_radiation.filter_edge                      ? 
_diffrn_radiation.inhomogeneity                    ? 
_diffrn_radiation.monochromator                    ? 
_diffrn_radiation.polarisn_norm                    ? 
_diffrn_radiation.polarisn_ratio                   ? 
_diffrn_radiation.probe                            ? 
_diffrn_radiation.type                             ? 
_diffrn_radiation.xray_symbol                      ? 
_diffrn_radiation.wavelength_id                    1 
_diffrn_radiation.pdbx_monochromatic_or_laue_m_l   M 
_diffrn_radiation.pdbx_wavelength_list             ? 
_diffrn_radiation.pdbx_wavelength                  ? 
_diffrn_radiation.pdbx_diffrn_protocol             'SINGLE WAVELENGTH' 
_diffrn_radiation.pdbx_analyzer                    ? 
_diffrn_radiation.pdbx_scattering_type             x-ray 
# 
_diffrn_radiation_wavelength.id           1 
_diffrn_radiation_wavelength.wavelength   1.54178 
_diffrn_radiation_wavelength.wt           1.0 
# 
_diffrn_source.current                     ? 
_diffrn_source.details                     ? 
_diffrn_source.diffrn_id                   1 
_diffrn_source.power                       ? 
_diffrn_source.size                        ? 
_diffrn_source.source                      'ROTATING ANODE' 
_diffrn_source.target                      ? 
_diffrn_source.type                        'RIGAKU FR-E SUPERBRIGHT' 
_diffrn_source.voltage                     ? 
_diffrn_source.take-off_angle              ? 
_diffrn_source.pdbx_wavelength_list        1.54178 
_diffrn_source.pdbx_wavelength             ? 
_diffrn_source.pdbx_synchrotron_beamline   ? 
_diffrn_source.pdbx_synchrotron_site       ? 
# 
_reflns.B_iso_Wilson_estimate                          38.29 
_reflns.entry_id                                       7W9A 
_reflns.data_reduction_details                         ? 
_reflns.data_reduction_method                          ? 
_reflns.d_resolution_high                              2.11 
_reflns.d_resolution_low                               50.0 
_reflns.details                                        ? 
_reflns.limit_h_max                                    ? 
_reflns.limit_h_min                                    ? 
_reflns.limit_k_max                                    ? 
_reflns.limit_k_min                                    ? 
_reflns.limit_l_max                                    ? 
_reflns.limit_l_min                                    ? 
_reflns.number_all                                     ? 
_reflns.number_obs                                     4080 
_reflns.observed_criterion                             ? 
_reflns.observed_criterion_F_max                       ? 
_reflns.observed_criterion_F_min                       ? 
_reflns.observed_criterion_I_max                       ? 
_reflns.observed_criterion_I_min                       ? 
_reflns.observed_criterion_sigma_F                     ? 
_reflns.observed_criterion_sigma_I                     ? 
_reflns.percent_possible_obs                           99.9 
_reflns.R_free_details                                 ? 
_reflns.Rmerge_F_all                                   ? 
_reflns.Rmerge_F_obs                                   ? 
_reflns.Friedel_coverage                               ? 
_reflns.number_gt                                      ? 
_reflns.threshold_expression                           ? 
_reflns.pdbx_redundancy                                11.2 
_reflns.pdbx_Rmerge_I_obs                              0.102 
_reflns.pdbx_Rmerge_I_all                              ? 
_reflns.pdbx_Rsym_value                                ? 
_reflns.pdbx_netI_over_av_sigmaI                       ? 
_reflns.pdbx_netI_over_sigmaI                          28.925 
_reflns.pdbx_res_netI_over_av_sigmaI_2                 ? 
_reflns.pdbx_res_netI_over_sigmaI_2                    ? 
_reflns.pdbx_chi_squared                               ? 
_reflns.pdbx_scaling_rejects                           ? 
_reflns.pdbx_d_res_high_opt                            ? 
_reflns.pdbx_d_res_low_opt                             ? 
_reflns.pdbx_d_res_opt_method                          ? 
_reflns.phase_calculation_details                      ? 
_reflns.pdbx_Rrim_I_all                                ? 
_reflns.pdbx_Rpim_I_all                                0.03 
_reflns.pdbx_d_opt                                     ? 
_reflns.pdbx_number_measured_all                       ? 
_reflns.pdbx_diffrn_id                                 1 
_reflns.pdbx_ordinal                                   1 
_reflns.pdbx_CC_half                                   0.997 
_reflns.pdbx_CC_star                                   ? 
_reflns.pdbx_R_split                                   ? 
_reflns.pdbx_aniso_diffraction_limit_axis_1_ortho[1]   ? 
_reflns.pdbx_aniso_diffraction_limit_axis_1_ortho[2]   ? 
_reflns.pdbx_aniso_diffraction_limit_axis_1_ortho[3]   ? 
_reflns.pdbx_aniso_diffraction_limit_axis_2_ortho[1]   ? 
_reflns.pdbx_aniso_diffraction_limit_axis_2_ortho[2]   ? 
_reflns.pdbx_aniso_diffraction_limit_axis_2_ortho[3]   ? 
_reflns.pdbx_aniso_diffraction_limit_axis_3_ortho[1]   ? 
_reflns.pdbx_aniso_diffraction_limit_axis_3_ortho[2]   ? 
_reflns.pdbx_aniso_diffraction_limit_axis_3_ortho[3]   ? 
_reflns.pdbx_aniso_diffraction_limit_1                 ? 
_reflns.pdbx_aniso_diffraction_limit_2                 ? 
_reflns.pdbx_aniso_diffraction_limit_3                 ? 
_reflns.pdbx_aniso_B_tensor_eigenvector_1_ortho[1]     ? 
_reflns.pdbx_aniso_B_tensor_eigenvector_1_ortho[2]     ? 
_reflns.pdbx_aniso_B_tensor_eigenvector_1_ortho[3]     ? 
_reflns.pdbx_aniso_B_tensor_eigenvector_2_ortho[1]     ? 
_reflns.pdbx_aniso_B_tensor_eigenvector_2_ortho[2]     ? 
_reflns.pdbx_aniso_B_tensor_eigenvector_2_ortho[3]     ? 
_reflns.pdbx_aniso_B_tensor_eigenvector_3_ortho[1]     ? 
_reflns.pdbx_aniso_B_tensor_eigenvector_3_ortho[2]     ? 
_reflns.pdbx_aniso_B_tensor_eigenvector_3_ortho[3]     ? 
_reflns.pdbx_aniso_B_tensor_eigenvalue_1               ? 
_reflns.pdbx_aniso_B_tensor_eigenvalue_2               ? 
_reflns.pdbx_aniso_B_tensor_eigenvalue_3               ? 
_reflns.pdbx_orthogonalization_convention              ? 
_reflns.pdbx_percent_possible_ellipsoidal              ? 
_reflns.pdbx_percent_possible_spherical                ? 
_reflns.pdbx_percent_possible_ellipsoidal_anomalous    ? 
_reflns.pdbx_percent_possible_spherical_anomalous      ? 
_reflns.pdbx_redundancy_anomalous                      ? 
_reflns.pdbx_CC_half_anomalous                         ? 
_reflns.pdbx_absDiff_over_sigma_anomalous              ? 
_reflns.pdbx_percent_possible_anomalous                ? 
_reflns.pdbx_observed_signal_threshold                 ? 
_reflns.pdbx_signal_type                               ? 
_reflns.pdbx_signal_details                            ? 
_reflns.pdbx_signal_software_id                        ? 
# 
_reflns_shell.d_res_high                                    2.11 
_reflns_shell.d_res_low                                     2.19 
_reflns_shell.meanI_over_sigI_all                           ? 
_reflns_shell.meanI_over_sigI_obs                           2.14 
_reflns_shell.number_measured_all                           ? 
_reflns_shell.number_measured_obs                           ? 
_reflns_shell.number_possible                               ? 
_reflns_shell.number_unique_all                             ? 
_reflns_shell.number_unique_obs                             405 
_reflns_shell.percent_possible_all                          99.8 
_reflns_shell.percent_possible_obs                          ? 
_reflns_shell.Rmerge_F_all                                  ? 
_reflns_shell.Rmerge_F_obs                                  ? 
_reflns_shell.Rmerge_I_all                                  ? 
_reflns_shell.Rmerge_I_obs                                  0.682 
_reflns_shell.meanI_over_sigI_gt                            ? 
_reflns_shell.meanI_over_uI_all                             ? 
_reflns_shell.meanI_over_uI_gt                              ? 
_reflns_shell.number_measured_gt                            ? 
_reflns_shell.number_unique_gt                              ? 
_reflns_shell.percent_possible_gt                           ? 
_reflns_shell.Rmerge_F_gt                                   ? 
_reflns_shell.Rmerge_I_gt                                   ? 
_reflns_shell.pdbx_redundancy                               8.4 
_reflns_shell.pdbx_Rsym_value                               ? 
_reflns_shell.pdbx_chi_squared                              ? 
_reflns_shell.pdbx_netI_over_sigmaI_all                     ? 
_reflns_shell.pdbx_netI_over_sigmaI_obs                     ? 
_reflns_shell.pdbx_Rrim_I_all                               ? 
_reflns_shell.pdbx_Rpim_I_all                               0.245 
_reflns_shell.pdbx_rejects                                  ? 
_reflns_shell.pdbx_ordinal                                  1 
_reflns_shell.pdbx_diffrn_id                                1 
_reflns_shell.pdbx_CC_half                                  0.71 
_reflns_shell.pdbx_CC_star                                  ? 
_reflns_shell.pdbx_R_split                                  ? 
_reflns_shell.pdbx_percent_possible_ellipsoidal             ? 
_reflns_shell.pdbx_percent_possible_spherical               ? 
_reflns_shell.pdbx_percent_possible_ellipsoidal_anomalous   ? 
_reflns_shell.pdbx_percent_possible_spherical_anomalous     ? 
_reflns_shell.pdbx_redundancy_anomalous                     ? 
_reflns_shell.pdbx_CC_half_anomalous                        ? 
_reflns_shell.pdbx_absDiff_over_sigma_anomalous             ? 
_reflns_shell.pdbx_percent_possible_anomalous               ? 
# 
_refine.aniso_B[1][1]                            ? 
_refine.aniso_B[1][2]                            ? 
_refine.aniso_B[1][3]                            ? 
_refine.aniso_B[2][2]                            ? 
_refine.aniso_B[2][3]                            ? 
_refine.aniso_B[3][3]                            ? 
_refine.B_iso_max                                ? 
_refine.B_iso_mean                               45.89 
_refine.B_iso_min                                ? 
_refine.correlation_coeff_Fo_to_Fc               ? 
_refine.correlation_coeff_Fo_to_Fc_free          ? 
_refine.details                                  ? 
_refine.diff_density_max                         ? 
_refine.diff_density_max_esd                     ? 
_refine.diff_density_min                         ? 
_refine.diff_density_min_esd                     ? 
_refine.diff_density_rms                         ? 
_refine.diff_density_rms_esd                     ? 
_refine.entry_id                                 7W9A 
_refine.pdbx_refine_id                           'X-RAY DIFFRACTION' 
_refine.ls_abs_structure_details                 ? 
_refine.ls_abs_structure_Flack                   ? 
_refine.ls_abs_structure_Flack_esd               ? 
_refine.ls_abs_structure_Rogers                  ? 
_refine.ls_abs_structure_Rogers_esd              ? 
_refine.ls_d_res_high                            2.12 
_refine.ls_d_res_low                             36.26 
_refine.ls_extinction_coef                       ? 
_refine.ls_extinction_coef_esd                   ? 
_refine.ls_extinction_expression                 ? 
_refine.ls_extinction_method                     ? 
_refine.ls_goodness_of_fit_all                   ? 
_refine.ls_goodness_of_fit_all_esd               ? 
_refine.ls_goodness_of_fit_obs                   ? 
_refine.ls_goodness_of_fit_obs_esd               ? 
_refine.ls_hydrogen_treatment                    ? 
_refine.ls_matrix_type                           ? 
_refine.ls_number_constraints                    ? 
_refine.ls_number_parameters                     ? 
_refine.ls_number_reflns_all                     ? 
_refine.ls_number_reflns_obs                     4080 
_refine.ls_number_reflns_R_free                  209 
_refine.ls_number_reflns_R_work                  3899 
_refine.ls_number_restraints                     ? 
_refine.ls_percent_reflns_obs                    99.98 
_refine.ls_percent_reflns_R_free                 5.09 
_refine.ls_R_factor_all                          ? 
_refine.ls_R_factor_obs                          0.1986 
_refine.ls_R_factor_R_free                       0.2388 
_refine.ls_R_factor_R_free_error                 ? 
_refine.ls_R_factor_R_free_error_details         ? 
_refine.ls_R_factor_R_work                       0.1962 
_refine.ls_R_Fsqd_factor_obs                     ? 
_refine.ls_R_I_factor_obs                        ? 
_refine.ls_redundancy_reflns_all                 ? 
_refine.ls_redundancy_reflns_obs                 ? 
_refine.ls_restrained_S_all                      ? 
_refine.ls_restrained_S_obs                      ? 
_refine.ls_shift_over_esd_max                    ? 
_refine.ls_shift_over_esd_mean                   ? 
_refine.ls_structure_factor_coef                 ? 
_refine.ls_weighting_details                     ? 
_refine.ls_weighting_scheme                      ? 
_refine.ls_wR_factor_all                         ? 
_refine.ls_wR_factor_obs                         ? 
_refine.ls_wR_factor_R_free                      ? 
_refine.ls_wR_factor_R_work                      ? 
_refine.occupancy_max                            ? 
_refine.occupancy_min                            ? 
_refine.solvent_model_details                    'FLAT BULK SOLVENT MODEL' 
_refine.solvent_model_param_bsol                 ? 
_refine.solvent_model_param_ksol                 ? 
_refine.pdbx_R_complete                          ? 
_refine.ls_R_factor_gt                           ? 
_refine.ls_goodness_of_fit_gt                    ? 
_refine.ls_goodness_of_fit_ref                   ? 
_refine.ls_shift_over_su_max                     ? 
_refine.ls_shift_over_su_max_lt                  ? 
_refine.ls_shift_over_su_mean                    ? 
_refine.ls_shift_over_su_mean_lt                 ? 
_refine.pdbx_ls_sigma_I                          ? 
_refine.pdbx_ls_sigma_F                          1.44 
_refine.pdbx_ls_sigma_Fsqd                       ? 
_refine.pdbx_data_cutoff_high_absF               ? 
_refine.pdbx_data_cutoff_high_rms_absF           ? 
_refine.pdbx_data_cutoff_low_absF                ? 
_refine.pdbx_isotropic_thermal_model             ? 
_refine.pdbx_ls_cross_valid_method               'FREE R-VALUE' 
_refine.pdbx_method_to_determine_struct          'MOLECULAR REPLACEMENT' 
_refine.pdbx_starting_model                      6IWM 
_refine.pdbx_stereochemistry_target_values       'GeoStd + Monomer Library + CDL v1.2' 
_refine.pdbx_R_Free_selection_details            ? 
_refine.pdbx_stereochem_target_val_spec_case     ? 
_refine.pdbx_overall_ESU_R                       ? 
_refine.pdbx_overall_ESU_R_Free                  ? 
_refine.pdbx_solvent_vdw_probe_radii             1.1100 
_refine.pdbx_solvent_ion_probe_radii             ? 
_refine.pdbx_solvent_shrinkage_radii             0.9000 
_refine.pdbx_real_space_R                        ? 
_refine.pdbx_density_correlation                 ? 
_refine.pdbx_pd_number_of_powder_patterns        ? 
_refine.pdbx_pd_number_of_points                 ? 
_refine.pdbx_pd_meas_number_of_points            ? 
_refine.pdbx_pd_proc_ls_prof_R_factor            ? 
_refine.pdbx_pd_proc_ls_prof_wR_factor           ? 
_refine.pdbx_pd_Marquardt_correlation_coeff      ? 
_refine.pdbx_pd_Fsqrd_R_factor                   ? 
_refine.pdbx_pd_ls_matrix_band_width             ? 
_refine.pdbx_overall_phase_error                 19.1300 
_refine.pdbx_overall_SU_R_free_Cruickshank_DPI   ? 
_refine.pdbx_overall_SU_R_free_Blow_DPI          ? 
_refine.pdbx_overall_SU_R_Blow_DPI               ? 
_refine.pdbx_TLS_residual_ADP_flag               ? 
_refine.pdbx_diffrn_id                           1 
_refine.overall_SU_B                             ? 
_refine.overall_SU_ML                            0.0000 
_refine.overall_SU_R_Cruickshank_DPI             ? 
_refine.overall_SU_R_free                        ? 
_refine.overall_FOM_free_R_set                   ? 
_refine.overall_FOM_work_R_set                   ? 
_refine.pdbx_average_fsc_overall                 ? 
_refine.pdbx_average_fsc_work                    ? 
_refine.pdbx_average_fsc_free                    ? 
# 
_refine_hist.pdbx_refine_id                   'X-RAY DIFFRACTION' 
_refine_hist.cycle_id                         LAST 
_refine_hist.details                          ? 
_refine_hist.d_res_high                       2.12 
_refine_hist.d_res_low                        36.26 
_refine_hist.number_atoms_solvent             13 
_refine_hist.number_atoms_total               676 
_refine_hist.number_reflns_all                ? 
_refine_hist.number_reflns_obs                ? 
_refine_hist.number_reflns_R_free             ? 
_refine_hist.number_reflns_R_work             ? 
_refine_hist.R_factor_all                     ? 
_refine_hist.R_factor_obs                     ? 
_refine_hist.R_factor_R_free                  ? 
_refine_hist.R_factor_R_work                  ? 
_refine_hist.pdbx_number_residues_total       ? 
_refine_hist.pdbx_B_iso_mean_ligand           ? 
_refine_hist.pdbx_B_iso_mean_solvent          ? 
_refine_hist.pdbx_number_atoms_protein        635 
_refine_hist.pdbx_number_atoms_nucleic_acid   0 
_refine_hist.pdbx_number_atoms_ligand         28 
_refine_hist.pdbx_number_atoms_lipid          ? 
_refine_hist.pdbx_number_atoms_carb           ? 
_refine_hist.pdbx_pseudo_atom_details         ? 
# 
loop_
_refine_ls_restr.pdbx_refine_id 
_refine_ls_restr.criterion 
_refine_ls_restr.dev_ideal 
_refine_ls_restr.dev_ideal_target 
_refine_ls_restr.number 
_refine_ls_restr.rejects 
_refine_ls_restr.type 
_refine_ls_restr.weight 
_refine_ls_restr.pdbx_restraint_function 
'X-RAY DIFFRACTION' ? 0.0028  ? 669 ? f_bond_d           ? ? 
'X-RAY DIFFRACTION' ? 0.5987  ? 902 ? f_angle_d          ? ? 
'X-RAY DIFFRACTION' ? 0.0432  ? 105 ? f_chiral_restr     ? ? 
'X-RAY DIFFRACTION' ? 0.0057  ? 121 ? f_plane_restr      ? ? 
'X-RAY DIFFRACTION' ? 14.8811 ? 115 ? f_dihedral_angle_d ? ? 
# 
_refine_ls_shell.pdbx_refine_id                   'X-RAY DIFFRACTION' 
_refine_ls_shell.d_res_high                       2.12 
_refine_ls_shell.d_res_low                        2.196 
_refine_ls_shell.number_reflns_all                ? 
_refine_ls_shell.number_reflns_obs                ? 
_refine_ls_shell.number_reflns_R_free             209 
_refine_ls_shell.number_reflns_R_work             3899 
_refine_ls_shell.percent_reflns_obs               99.98 
_refine_ls_shell.percent_reflns_R_free            ? 
_refine_ls_shell.R_factor_all                     ? 
_refine_ls_shell.R_factor_obs                     ? 
_refine_ls_shell.R_factor_R_free                  0.2388 
_refine_ls_shell.R_factor_R_free_error            ? 
_refine_ls_shell.R_factor_R_work                  0.1962 
_refine_ls_shell.redundancy_reflns_all            ? 
_refine_ls_shell.redundancy_reflns_obs            ? 
_refine_ls_shell.wR_factor_all                    ? 
_refine_ls_shell.wR_factor_obs                    ? 
_refine_ls_shell.wR_factor_R_free                 ? 
_refine_ls_shell.wR_factor_R_work                 ? 
_refine_ls_shell.pdbx_R_complete                  ? 
_refine_ls_shell.pdbx_total_number_of_bins_used   ? 
_refine_ls_shell.pdbx_phase_error                 ? 
_refine_ls_shell.pdbx_fsc_work                    ? 
_refine_ls_shell.pdbx_fsc_free                    ? 
# 
_struct.entry_id                     7W9A 
_struct.title                        
'Dynamics of lipid displacement inside the hydrophobic cavity of a non-specific lipid transfer protein from Solanum melongena' 
_struct.pdbx_model_details           ? 
_struct.pdbx_formula_weight          ? 
_struct.pdbx_formula_weight_method   ? 
_struct.pdbx_model_type_details      ? 
_struct.pdbx_CASP_flag               N 
# 
_struct_keywords.entry_id        7W9A 
_struct_keywords.text            'nsLTP, Lauric acid, Lipid Transfer Protein, Lipid Binding Dynamics, LIPID TRANSPORT' 
_struct_keywords.pdbx_keywords   'LIPID TRANSPORT' 
# 
loop_
_struct_asym.id 
_struct_asym.pdbx_blank_PDB_chainid_flag 
_struct_asym.pdbx_modified 
_struct_asym.entity_id 
_struct_asym.details 
A N N 1 ? 
B N N 2 ? 
C N N 2 ? 
D N N 3 ? 
# 
_struct_ref.id                         1 
_struct_ref.db_name                    UNP 
_struct_ref.db_code                    A0A247D6Y2_SOLME 
_struct_ref.pdbx_db_accession          A0A247D6Y2 
_struct_ref.pdbx_db_isoform            ? 
_struct_ref.entity_id                  1 
_struct_ref.pdbx_seq_one_letter_code   
;AVTCGQVDANLAPCVPFLTQGGEPGAACCSGVKTLNGNAQSPDDRKTACNCIKAAANRYPNLKDDAAQSLPSKCGISLNV
PISRTINCDTIS
;
_struct_ref.pdbx_align_begin           1 
# 
_struct_ref_seq.align_id                      1 
_struct_ref_seq.ref_id                        1 
_struct_ref_seq.pdbx_PDB_id_code              7W9A 
_struct_ref_seq.pdbx_strand_id                A 
_struct_ref_seq.seq_align_beg                 1 
_struct_ref_seq.pdbx_seq_align_beg_ins_code   ? 
_struct_ref_seq.seq_align_end                 92 
_struct_ref_seq.pdbx_seq_align_end_ins_code   ? 
_struct_ref_seq.pdbx_db_accession             A0A247D6Y2 
_struct_ref_seq.db_align_beg                  1 
_struct_ref_seq.pdbx_db_align_beg_ins_code    ? 
_struct_ref_seq.db_align_end                  92 
_struct_ref_seq.pdbx_db_align_end_ins_code    ? 
_struct_ref_seq.pdbx_auth_seq_align_beg       0 
_struct_ref_seq.pdbx_auth_seq_align_end       91 
# 
_pdbx_struct_assembly.id                   1 
_pdbx_struct_assembly.details              author_defined_assembly 
_pdbx_struct_assembly.method_details       ? 
_pdbx_struct_assembly.oligomeric_details   monomeric 
_pdbx_struct_assembly.oligomeric_count     1 
# 
_pdbx_struct_assembly_gen.assembly_id       1 
_pdbx_struct_assembly_gen.oper_expression   1 
_pdbx_struct_assembly_gen.asym_id_list      A,B,C,D 
# 
_pdbx_struct_assembly_auth_evidence.id                     1 
_pdbx_struct_assembly_auth_evidence.assembly_id            1 
_pdbx_struct_assembly_auth_evidence.experimental_support   none 
_pdbx_struct_assembly_auth_evidence.details                NA 
# 
_pdbx_struct_oper_list.id                   1 
_pdbx_struct_oper_list.type                 'identity operation' 
_pdbx_struct_oper_list.name                 1_555 
_pdbx_struct_oper_list.symmetry_operation   x,y,z 
_pdbx_struct_oper_list.matrix[1][1]         1.0000000000 
_pdbx_struct_oper_list.matrix[1][2]         0.0000000000 
_pdbx_struct_oper_list.matrix[1][3]         0.0000000000 
_pdbx_struct_oper_list.vector[1]            0.0000000000 
_pdbx_struct_oper_list.matrix[2][1]         0.0000000000 
_pdbx_struct_oper_list.matrix[2][2]         1.0000000000 
_pdbx_struct_oper_list.matrix[2][3]         0.0000000000 
_pdbx_struct_oper_list.vector[2]            0.0000000000 
_pdbx_struct_oper_list.matrix[3][1]         0.0000000000 
_pdbx_struct_oper_list.matrix[3][2]         0.0000000000 
_pdbx_struct_oper_list.matrix[3][3]         1.0000000000 
_pdbx_struct_oper_list.vector[3]            0.0000000000 
# 
loop_
_struct_conf.conf_type_id 
_struct_conf.id 
_struct_conf.pdbx_PDB_helix_id 
_struct_conf.beg_label_comp_id 
_struct_conf.beg_label_asym_id 
_struct_conf.beg_label_seq_id 
_struct_conf.pdbx_beg_PDB_ins_code 
_struct_conf.end_label_comp_id 
_struct_conf.end_label_asym_id 
_struct_conf.end_label_seq_id 
_struct_conf.pdbx_end_PDB_ins_code 
_struct_conf.beg_auth_comp_id 
_struct_conf.beg_auth_asym_id 
_struct_conf.beg_auth_seq_id 
_struct_conf.end_auth_comp_id 
_struct_conf.end_auth_asym_id 
_struct_conf.end_auth_seq_id 
_struct_conf.pdbx_PDB_helix_class 
_struct_conf.details 
_struct_conf.pdbx_PDB_helix_length 
HELX_P HELX_P1 AA1 THR A 3  ? ALA A 12 ? THR A 2  ALA A 11 1 ? 10 
HELX_P HELX_P2 AA2 CYS A 14 ? GLY A 21 ? CYS A 13 GLY A 20 1 ? 8  
HELX_P HELX_P3 AA3 GLY A 25 ? ALA A 39 ? GLY A 24 ALA A 38 1 ? 15 
HELX_P HELX_P4 AA4 SER A 41 ? TYR A 59 ? SER A 40 TYR A 58 1 ? 19 
HELX_P HELX_P5 AA5 ASP A 64 ? CYS A 74 ? ASP A 63 CYS A 73 1 ? 11 
# 
_struct_conf_type.id          HELX_P 
_struct_conf_type.criteria    ? 
_struct_conf_type.reference   ? 
# 
loop_
_struct_conn.id 
_struct_conn.conn_type_id 
_struct_conn.pdbx_leaving_atom_flag 
_struct_conn.pdbx_PDB_id 
_struct_conn.ptnr1_label_asym_id 
_struct_conn.ptnr1_label_comp_id 
_struct_conn.ptnr1_label_seq_id 
_struct_conn.ptnr1_label_atom_id 
_struct_conn.pdbx_ptnr1_label_alt_id 
_struct_conn.pdbx_ptnr1_PDB_ins_code 
_struct_conn.pdbx_ptnr1_standard_comp_id 
_struct_conn.ptnr1_symmetry 
_struct_conn.ptnr2_label_asym_id 
_struct_conn.ptnr2_label_comp_id 
_struct_conn.ptnr2_label_seq_id 
_struct_conn.ptnr2_label_atom_id 
_struct_conn.pdbx_ptnr2_label_alt_id 
_struct_conn.pdbx_ptnr2_PDB_ins_code 
_struct_conn.ptnr1_auth_asym_id 
_struct_conn.ptnr1_auth_comp_id 
_struct_conn.ptnr1_auth_seq_id 
_struct_conn.ptnr2_auth_asym_id 
_struct_conn.ptnr2_auth_comp_id 
_struct_conn.ptnr2_auth_seq_id 
_struct_conn.ptnr2_symmetry 
_struct_conn.pdbx_ptnr3_label_atom_id 
_struct_conn.pdbx_ptnr3_label_seq_id 
_struct_conn.pdbx_ptnr3_label_comp_id 
_struct_conn.pdbx_ptnr3_label_asym_id 
_struct_conn.pdbx_ptnr3_label_alt_id 
_struct_conn.pdbx_ptnr3_PDB_ins_code 
_struct_conn.details 
_struct_conn.pdbx_dist_value 
_struct_conn.pdbx_value_order 
_struct_conn.pdbx_role 
disulf1 disulf ? ? A CYS 4  SG ? ? ? 1_555 A CYS 51 SG ? ? A CYS 3  A CYS 50 1_555 ? ? ? ? ? ? ? 2.033 ? ? 
disulf2 disulf ? ? A CYS 14 SG ? ? ? 1_555 A CYS 28 SG ? ? A CYS 13 A CYS 27 1_555 ? ? ? ? ? ? ? 2.030 ? ? 
disulf3 disulf ? ? A CYS 29 SG ? ? ? 1_555 A CYS 74 SG ? ? A CYS 28 A CYS 73 1_555 ? ? ? ? ? ? ? 2.031 ? ? 
disulf4 disulf ? ? A CYS 49 SG ? ? ? 1_555 A CYS 88 SG ? ? A CYS 48 A CYS 87 1_555 ? ? ? ? ? ? ? 2.032 ? ? 
# 
_struct_conn_type.id          disulf 
_struct_conn_type.criteria    ? 
_struct_conn_type.reference   ? 
# 
loop_
_pdbx_modification_feature.ordinal 
_pdbx_modification_feature.label_comp_id 
_pdbx_modification_feature.label_asym_id 
_pdbx_modification_feature.label_seq_id 
_pdbx_modification_feature.label_alt_id 
_pdbx_modification_feature.modified_residue_label_comp_id 
_pdbx_modification_feature.modified_residue_label_asym_id 
_pdbx_modification_feature.modified_residue_label_seq_id 
_pdbx_modification_feature.modified_residue_label_alt_id 
_pdbx_modification_feature.auth_comp_id 
_pdbx_modification_feature.auth_asym_id 
_pdbx_modification_feature.auth_seq_id 
_pdbx_modification_feature.PDB_ins_code 
_pdbx_modification_feature.symmetry 
_pdbx_modification_feature.modified_residue_auth_comp_id 
_pdbx_modification_feature.modified_residue_auth_asym_id 
_pdbx_modification_feature.modified_residue_auth_seq_id 
_pdbx_modification_feature.modified_residue_PDB_ins_code 
_pdbx_modification_feature.modified_residue_symmetry 
_pdbx_modification_feature.comp_id_linking_atom 
_pdbx_modification_feature.modified_residue_id_linking_atom 
_pdbx_modification_feature.modified_residue_id 
_pdbx_modification_feature.ref_pcm_id 
_pdbx_modification_feature.ref_comp_id 
_pdbx_modification_feature.type 
_pdbx_modification_feature.category 
1 CYS A 4  ? CYS A 51 ? CYS A 3  ? 1_555 CYS A 50 ? 1_555 SG SG . . . None 'Disulfide bridge' 
2 CYS A 14 ? CYS A 28 ? CYS A 13 ? 1_555 CYS A 27 ? 1_555 SG SG . . . None 'Disulfide bridge' 
3 CYS A 29 ? CYS A 74 ? CYS A 28 ? 1_555 CYS A 73 ? 1_555 SG SG . . . None 'Disulfide bridge' 
4 CYS A 49 ? CYS A 88 ? CYS A 48 ? 1_555 CYS A 87 ? 1_555 SG SG . . . None 'Disulfide bridge' 
# 
_pdbx_entry_details.entry_id                   7W9A 
_pdbx_entry_details.has_ligand_of_interest     Y 
_pdbx_entry_details.compound_details           ? 
_pdbx_entry_details.source_details             ? 
_pdbx_entry_details.nonpolymer_details         ? 
_pdbx_entry_details.sequence_details           ? 
_pdbx_entry_details.has_protein_modification   Y 
# 
_pdbx_validate_torsion.id              1 
_pdbx_validate_torsion.PDB_model_num   1 
_pdbx_validate_torsion.auth_comp_id    GLN 
_pdbx_validate_torsion.auth_asym_id    A 
_pdbx_validate_torsion.auth_seq_id     39 
_pdbx_validate_torsion.PDB_ins_code    ? 
_pdbx_validate_torsion.label_alt_id    ? 
_pdbx_validate_torsion.phi             -99.48 
_pdbx_validate_torsion.psi             -60.20 
# 
loop_
_space_group_symop.id 
_space_group_symop.operation_xyz 
1 x,y,z               
2 -y+1/2,x,z+3/4      
3 y+1/2,-x,z+3/4      
4 -x,-y,z             
5 x+1/2,y+1/2,z+1/2   
6 -y+1,x+1/2,z+5/4    
7 y+1,-x+1/2,z+5/4    
8 -x+1/2,-y+1/2,z+1/2 
# 
loop_
_pdbx_unobs_or_zero_occ_residues.id 
_pdbx_unobs_or_zero_occ_residues.PDB_model_num 
_pdbx_unobs_or_zero_occ_residues.polymer_flag 
_pdbx_unobs_or_zero_occ_residues.occupancy_flag 
_pdbx_unobs_or_zero_occ_residues.auth_asym_id 
_pdbx_unobs_or_zero_occ_residues.auth_comp_id 
_pdbx_unobs_or_zero_occ_residues.auth_seq_id 
_pdbx_unobs_or_zero_occ_residues.PDB_ins_code 
_pdbx_unobs_or_zero_occ_residues.label_asym_id 
_pdbx_unobs_or_zero_occ_residues.label_comp_id 
_pdbx_unobs_or_zero_occ_residues.label_seq_id 
1 1 Y 1 A ALA 0  ? A ALA 1  
2 1 Y 1 A SER 91 ? A SER 92 
# 
loop_
_chem_comp_atom.comp_id 
_chem_comp_atom.atom_id 
_chem_comp_atom.type_symbol 
_chem_comp_atom.pdbx_aromatic_flag 
_chem_comp_atom.pdbx_stereo_config 
_chem_comp_atom.pdbx_ordinal 
ALA N    N N N 1   
ALA CA   C N S 2   
ALA C    C N N 3   
ALA O    O N N 4   
ALA CB   C N N 5   
ALA OXT  O N N 6   
ALA H    H N N 7   
ALA H2   H N N 8   
ALA HA   H N N 9   
ALA HB1  H N N 10  
ALA HB2  H N N 11  
ALA HB3  H N N 12  
ALA HXT  H N N 13  
ARG N    N N N 14  
ARG CA   C N S 15  
ARG C    C N N 16  
ARG O    O N N 17  
ARG CB   C N N 18  
ARG CG   C N N 19  
ARG CD   C N N 20  
ARG NE   N N N 21  
ARG CZ   C N N 22  
ARG NH1  N N N 23  
ARG NH2  N N N 24  
ARG OXT  O N N 25  
ARG H    H N N 26  
ARG H2   H N N 27  
ARG HA   H N N 28  
ARG HB2  H N N 29  
ARG HB3  H N N 30  
ARG HG2  H N N 31  
ARG HG3  H N N 32  
ARG HD2  H N N 33  
ARG HD3  H N N 34  
ARG HE   H N N 35  
ARG HH11 H N N 36  
ARG HH12 H N N 37  
ARG HH21 H N N 38  
ARG HH22 H N N 39  
ARG HXT  H N N 40  
ASN N    N N N 41  
ASN CA   C N S 42  
ASN C    C N N 43  
ASN O    O N N 44  
ASN CB   C N N 45  
ASN CG   C N N 46  
ASN OD1  O N N 47  
ASN ND2  N N N 48  
ASN OXT  O N N 49  
ASN H    H N N 50  
ASN H2   H N N 51  
ASN HA   H N N 52  
ASN HB2  H N N 53  
ASN HB3  H N N 54  
ASN HD21 H N N 55  
ASN HD22 H N N 56  
ASN HXT  H N N 57  
ASP N    N N N 58  
ASP CA   C N S 59  
ASP C    C N N 60  
ASP O    O N N 61  
ASP CB   C N N 62  
ASP CG   C N N 63  
ASP OD1  O N N 64  
ASP OD2  O N N 65  
ASP OXT  O N N 66  
ASP H    H N N 67  
ASP H2   H N N 68  
ASP HA   H N N 69  
ASP HB2  H N N 70  
ASP HB3  H N N 71  
ASP HD2  H N N 72  
ASP HXT  H N N 73  
CYS N    N N N 74  
CYS CA   C N R 75  
CYS C    C N N 76  
CYS O    O N N 77  
CYS CB   C N N 78  
CYS SG   S N N 79  
CYS OXT  O N N 80  
CYS H    H N N 81  
CYS H2   H N N 82  
CYS HA   H N N 83  
CYS HB2  H N N 84  
CYS HB3  H N N 85  
CYS HG   H N N 86  
CYS HXT  H N N 87  
DAO O1   O N N 88  
DAO O2   O N N 89  
DAO C1   C N N 90  
DAO C2   C N N 91  
DAO C3   C N N 92  
DAO C4   C N N 93  
DAO C5   C N N 94  
DAO C6   C N N 95  
DAO C7   C N N 96  
DAO C8   C N N 97  
DAO C9   C N N 98  
DAO C10  C N N 99  
DAO C11  C N N 100 
DAO C12  C N N 101 
DAO HO2  H N N 102 
DAO H21  H N N 103 
DAO H22  H N N 104 
DAO H31  H N N 105 
DAO H32  H N N 106 
DAO H41  H N N 107 
DAO H42  H N N 108 
DAO H51  H N N 109 
DAO H52  H N N 110 
DAO H61  H N N 111 
DAO H62  H N N 112 
DAO H71  H N N 113 
DAO H72  H N N 114 
DAO H81  H N N 115 
DAO H82  H N N 116 
DAO H91  H N N 117 
DAO H92  H N N 118 
DAO H101 H N N 119 
DAO H102 H N N 120 
DAO H111 H N N 121 
DAO H112 H N N 122 
DAO H121 H N N 123 
DAO H122 H N N 124 
DAO H123 H N N 125 
GLN N    N N N 126 
GLN CA   C N S 127 
GLN C    C N N 128 
GLN O    O N N 129 
GLN CB   C N N 130 
GLN CG   C N N 131 
GLN CD   C N N 132 
GLN OE1  O N N 133 
GLN NE2  N N N 134 
GLN OXT  O N N 135 
GLN H    H N N 136 
GLN H2   H N N 137 
GLN HA   H N N 138 
GLN HB2  H N N 139 
GLN HB3  H N N 140 
GLN HG2  H N N 141 
GLN HG3  H N N 142 
GLN HE21 H N N 143 
GLN HE22 H N N 144 
GLN HXT  H N N 145 
GLU N    N N N 146 
GLU CA   C N S 147 
GLU C    C N N 148 
GLU O    O N N 149 
GLU CB   C N N 150 
GLU CG   C N N 151 
GLU CD   C N N 152 
GLU OE1  O N N 153 
GLU OE2  O N N 154 
GLU OXT  O N N 155 
GLU H    H N N 156 
GLU H2   H N N 157 
GLU HA   H N N 158 
GLU HB2  H N N 159 
GLU HB3  H N N 160 
GLU HG2  H N N 161 
GLU HG3  H N N 162 
GLU HE2  H N N 163 
GLU HXT  H N N 164 
GLY N    N N N 165 
GLY CA   C N N 166 
GLY C    C N N 167 
GLY O    O N N 168 
GLY OXT  O N N 169 
GLY H    H N N 170 
GLY H2   H N N 171 
GLY HA2  H N N 172 
GLY HA3  H N N 173 
GLY HXT  H N N 174 
HOH O    O N N 175 
HOH H1   H N N 176 
HOH H2   H N N 177 
ILE N    N N N 178 
ILE CA   C N S 179 
ILE C    C N N 180 
ILE O    O N N 181 
ILE CB   C N S 182 
ILE CG1  C N N 183 
ILE CG2  C N N 184 
ILE CD1  C N N 185 
ILE OXT  O N N 186 
ILE H    H N N 187 
ILE H2   H N N 188 
ILE HA   H N N 189 
ILE HB   H N N 190 
ILE HG12 H N N 191 
ILE HG13 H N N 192 
ILE HG21 H N N 193 
ILE HG22 H N N 194 
ILE HG23 H N N 195 
ILE HD11 H N N 196 
ILE HD12 H N N 197 
ILE HD13 H N N 198 
ILE HXT  H N N 199 
LEU N    N N N 200 
LEU CA   C N S 201 
LEU C    C N N 202 
LEU O    O N N 203 
LEU CB   C N N 204 
LEU CG   C N N 205 
LEU CD1  C N N 206 
LEU CD2  C N N 207 
LEU OXT  O N N 208 
LEU H    H N N 209 
LEU H2   H N N 210 
LEU HA   H N N 211 
LEU HB2  H N N 212 
LEU HB3  H N N 213 
LEU HG   H N N 214 
LEU HD11 H N N 215 
LEU HD12 H N N 216 
LEU HD13 H N N 217 
LEU HD21 H N N 218 
LEU HD22 H N N 219 
LEU HD23 H N N 220 
LEU HXT  H N N 221 
LYS N    N N N 222 
LYS CA   C N S 223 
LYS C    C N N 224 
LYS O    O N N 225 
LYS CB   C N N 226 
LYS CG   C N N 227 
LYS CD   C N N 228 
LYS CE   C N N 229 
LYS NZ   N N N 230 
LYS OXT  O N N 231 
LYS H    H N N 232 
LYS H2   H N N 233 
LYS HA   H N N 234 
LYS HB2  H N N 235 
LYS HB3  H N N 236 
LYS HG2  H N N 237 
LYS HG3  H N N 238 
LYS HD2  H N N 239 
LYS HD3  H N N 240 
LYS HE2  H N N 241 
LYS HE3  H N N 242 
LYS HZ1  H N N 243 
LYS HZ2  H N N 244 
LYS HZ3  H N N 245 
LYS HXT  H N N 246 
PHE N    N N N 247 
PHE CA   C N S 248 
PHE C    C N N 249 
PHE O    O N N 250 
PHE CB   C N N 251 
PHE CG   C Y N 252 
PHE CD1  C Y N 253 
PHE CD2  C Y N 254 
PHE CE1  C Y N 255 
PHE CE2  C Y N 256 
PHE CZ   C Y N 257 
PHE OXT  O N N 258 
PHE H    H N N 259 
PHE H2   H N N 260 
PHE HA   H N N 261 
PHE HB2  H N N 262 
PHE HB3  H N N 263 
PHE HD1  H N N 264 
PHE HD2  H N N 265 
PHE HE1  H N N 266 
PHE HE2  H N N 267 
PHE HZ   H N N 268 
PHE HXT  H N N 269 
PRO N    N N N 270 
PRO CA   C N S 271 
PRO C    C N N 272 
PRO O    O N N 273 
PRO CB   C N N 274 
PRO CG   C N N 275 
PRO CD   C N N 276 
PRO OXT  O N N 277 
PRO H    H N N 278 
PRO HA   H N N 279 
PRO HB2  H N N 280 
PRO HB3  H N N 281 
PRO HG2  H N N 282 
PRO HG3  H N N 283 
PRO HD2  H N N 284 
PRO HD3  H N N 285 
PRO HXT  H N N 286 
SER N    N N N 287 
SER CA   C N S 288 
SER C    C N N 289 
SER O    O N N 290 
SER CB   C N N 291 
SER OG   O N N 292 
SER OXT  O N N 293 
SER H    H N N 294 
SER H2   H N N 295 
SER HA   H N N 296 
SER HB2  H N N 297 
SER HB3  H N N 298 
SER HG   H N N 299 
SER HXT  H N N 300 
THR N    N N N 301 
THR CA   C N S 302 
THR C    C N N 303 
THR O    O N N 304 
THR CB   C N R 305 
THR OG1  O N N 306 
THR CG2  C N N 307 
THR OXT  O N N 308 
THR H    H N N 309 
THR H2   H N N 310 
THR HA   H N N 311 
THR HB   H N N 312 
THR HG1  H N N 313 
THR HG21 H N N 314 
THR HG22 H N N 315 
THR HG23 H N N 316 
THR HXT  H N N 317 
TYR N    N N N 318 
TYR CA   C N S 319 
TYR C    C N N 320 
TYR O    O N N 321 
TYR CB   C N N 322 
TYR CG   C Y N 323 
TYR CD1  C Y N 324 
TYR CD2  C Y N 325 
TYR CE1  C Y N 326 
TYR CE2  C Y N 327 
TYR CZ   C Y N 328 
TYR OH   O N N 329 
TYR OXT  O N N 330 
TYR H    H N N 331 
TYR H2   H N N 332 
TYR HA   H N N 333 
TYR HB2  H N N 334 
TYR HB3  H N N 335 
TYR HD1  H N N 336 
TYR HD2  H N N 337 
TYR HE1  H N N 338 
TYR HE2  H N N 339 
TYR HH   H N N 340 
TYR HXT  H N N 341 
VAL N    N N N 342 
VAL CA   C N S 343 
VAL C    C N N 344 
VAL O    O N N 345 
VAL CB   C N N 346 
VAL CG1  C N N 347 
VAL CG2  C N N 348 
VAL OXT  O N N 349 
VAL H    H N N 350 
VAL H2   H N N 351 
VAL HA   H N N 352 
VAL HB   H N N 353 
VAL HG11 H N N 354 
VAL HG12 H N N 355 
VAL HG13 H N N 356 
VAL HG21 H N N 357 
VAL HG22 H N N 358 
VAL HG23 H N N 359 
VAL HXT  H N N 360 
# 
loop_
_chem_comp_bond.comp_id 
_chem_comp_bond.atom_id_1 
_chem_comp_bond.atom_id_2 
_chem_comp_bond.value_order 
_chem_comp_bond.pdbx_aromatic_flag 
_chem_comp_bond.pdbx_stereo_config 
_chem_comp_bond.pdbx_ordinal 
ALA N   CA   sing N N 1   
ALA N   H    sing N N 2   
ALA N   H2   sing N N 3   
ALA CA  C    sing N N 4   
ALA CA  CB   sing N N 5   
ALA CA  HA   sing N N 6   
ALA C   O    doub N N 7   
ALA C   OXT  sing N N 8   
ALA CB  HB1  sing N N 9   
ALA CB  HB2  sing N N 10  
ALA CB  HB3  sing N N 11  
ALA OXT HXT  sing N N 12  
ARG N   CA   sing N N 13  
ARG N   H    sing N N 14  
ARG N   H2   sing N N 15  
ARG CA  C    sing N N 16  
ARG CA  CB   sing N N 17  
ARG CA  HA   sing N N 18  
ARG C   O    doub N N 19  
ARG C   OXT  sing N N 20  
ARG CB  CG   sing N N 21  
ARG CB  HB2  sing N N 22  
ARG CB  HB3  sing N N 23  
ARG CG  CD   sing N N 24  
ARG CG  HG2  sing N N 25  
ARG CG  HG3  sing N N 26  
ARG CD  NE   sing N N 27  
ARG CD  HD2  sing N N 28  
ARG CD  HD3  sing N N 29  
ARG NE  CZ   sing N N 30  
ARG NE  HE   sing N N 31  
ARG CZ  NH1  sing N N 32  
ARG CZ  NH2  doub N N 33  
ARG NH1 HH11 sing N N 34  
ARG NH1 HH12 sing N N 35  
ARG NH2 HH21 sing N N 36  
ARG NH2 HH22 sing N N 37  
ARG OXT HXT  sing N N 38  
ASN N   CA   sing N N 39  
ASN N   H    sing N N 40  
ASN N   H2   sing N N 41  
ASN CA  C    sing N N 42  
ASN CA  CB   sing N N 43  
ASN CA  HA   sing N N 44  
ASN C   O    doub N N 45  
ASN C   OXT  sing N N 46  
ASN CB  CG   sing N N 47  
ASN CB  HB2  sing N N 48  
ASN CB  HB3  sing N N 49  
ASN CG  OD1  doub N N 50  
ASN CG  ND2  sing N N 51  
ASN ND2 HD21 sing N N 52  
ASN ND2 HD22 sing N N 53  
ASN OXT HXT  sing N N 54  
ASP N   CA   sing N N 55  
ASP N   H    sing N N 56  
ASP N   H2   sing N N 57  
ASP CA  C    sing N N 58  
ASP CA  CB   sing N N 59  
ASP CA  HA   sing N N 60  
ASP C   O    doub N N 61  
ASP C   OXT  sing N N 62  
ASP CB  CG   sing N N 63  
ASP CB  HB2  sing N N 64  
ASP CB  HB3  sing N N 65  
ASP CG  OD1  doub N N 66  
ASP CG  OD2  sing N N 67  
ASP OD2 HD2  sing N N 68  
ASP OXT HXT  sing N N 69  
CYS N   CA   sing N N 70  
CYS N   H    sing N N 71  
CYS N   H2   sing N N 72  
CYS CA  C    sing N N 73  
CYS CA  CB   sing N N 74  
CYS CA  HA   sing N N 75  
CYS C   O    doub N N 76  
CYS C   OXT  sing N N 77  
CYS CB  SG   sing N N 78  
CYS CB  HB2  sing N N 79  
CYS CB  HB3  sing N N 80  
CYS SG  HG   sing N N 81  
CYS OXT HXT  sing N N 82  
DAO O1  C1   doub N N 83  
DAO O2  C1   sing N N 84  
DAO O2  HO2  sing N N 85  
DAO C1  C2   sing N N 86  
DAO C2  C3   sing N N 87  
DAO C2  H21  sing N N 88  
DAO C2  H22  sing N N 89  
DAO C3  C4   sing N N 90  
DAO C3  H31  sing N N 91  
DAO C3  H32  sing N N 92  
DAO C4  C5   sing N N 93  
DAO C4  H41  sing N N 94  
DAO C4  H42  sing N N 95  
DAO C5  C6   sing N N 96  
DAO C5  H51  sing N N 97  
DAO C5  H52  sing N N 98  
DAO C6  C7   sing N N 99  
DAO C6  H61  sing N N 100 
DAO C6  H62  sing N N 101 
DAO C7  C8   sing N N 102 
DAO C7  H71  sing N N 103 
DAO C7  H72  sing N N 104 
DAO C8  C9   sing N N 105 
DAO C8  H81  sing N N 106 
DAO C8  H82  sing N N 107 
DAO C9  C10  sing N N 108 
DAO C9  H91  sing N N 109 
DAO C9  H92  sing N N 110 
DAO C10 C11  sing N N 111 
DAO C10 H101 sing N N 112 
DAO C10 H102 sing N N 113 
DAO C11 C12  sing N N 114 
DAO C11 H111 sing N N 115 
DAO C11 H112 sing N N 116 
DAO C12 H121 sing N N 117 
DAO C12 H122 sing N N 118 
DAO C12 H123 sing N N 119 
GLN N   CA   sing N N 120 
GLN N   H    sing N N 121 
GLN N   H2   sing N N 122 
GLN CA  C    sing N N 123 
GLN CA  CB   sing N N 124 
GLN CA  HA   sing N N 125 
GLN C   O    doub N N 126 
GLN C   OXT  sing N N 127 
GLN CB  CG   sing N N 128 
GLN CB  HB2  sing N N 129 
GLN CB  HB3  sing N N 130 
GLN CG  CD   sing N N 131 
GLN CG  HG2  sing N N 132 
GLN CG  HG3  sing N N 133 
GLN CD  OE1  doub N N 134 
GLN CD  NE2  sing N N 135 
GLN NE2 HE21 sing N N 136 
GLN NE2 HE22 sing N N 137 
GLN OXT HXT  sing N N 138 
GLU N   CA   sing N N 139 
GLU N   H    sing N N 140 
GLU N   H2   sing N N 141 
GLU CA  C    sing N N 142 
GLU CA  CB   sing N N 143 
GLU CA  HA   sing N N 144 
GLU C   O    doub N N 145 
GLU C   OXT  sing N N 146 
GLU CB  CG   sing N N 147 
GLU CB  HB2  sing N N 148 
GLU CB  HB3  sing N N 149 
GLU CG  CD   sing N N 150 
GLU CG  HG2  sing N N 151 
GLU CG  HG3  sing N N 152 
GLU CD  OE1  doub N N 153 
GLU CD  OE2  sing N N 154 
GLU OE2 HE2  sing N N 155 
GLU OXT HXT  sing N N 156 
GLY N   CA   sing N N 157 
GLY N   H    sing N N 158 
GLY N   H2   sing N N 159 
GLY CA  C    sing N N 160 
GLY CA  HA2  sing N N 161 
GLY CA  HA3  sing N N 162 
GLY C   O    doub N N 163 
GLY C   OXT  sing N N 164 
GLY OXT HXT  sing N N 165 
HOH O   H1   sing N N 166 
HOH O   H2   sing N N 167 
ILE N   CA   sing N N 168 
ILE N   H    sing N N 169 
ILE N   H2   sing N N 170 
ILE CA  C    sing N N 171 
ILE CA  CB   sing N N 172 
ILE CA  HA   sing N N 173 
ILE C   O    doub N N 174 
ILE C   OXT  sing N N 175 
ILE CB  CG1  sing N N 176 
ILE CB  CG2  sing N N 177 
ILE CB  HB   sing N N 178 
ILE CG1 CD1  sing N N 179 
ILE CG1 HG12 sing N N 180 
ILE CG1 HG13 sing N N 181 
ILE CG2 HG21 sing N N 182 
ILE CG2 HG22 sing N N 183 
ILE CG2 HG23 sing N N 184 
ILE CD1 HD11 sing N N 185 
ILE CD1 HD12 sing N N 186 
ILE CD1 HD13 sing N N 187 
ILE OXT HXT  sing N N 188 
LEU N   CA   sing N N 189 
LEU N   H    sing N N 190 
LEU N   H2   sing N N 191 
LEU CA  C    sing N N 192 
LEU CA  CB   sing N N 193 
LEU CA  HA   sing N N 194 
LEU C   O    doub N N 195 
LEU C   OXT  sing N N 196 
LEU CB  CG   sing N N 197 
LEU CB  HB2  sing N N 198 
LEU CB  HB3  sing N N 199 
LEU CG  CD1  sing N N 200 
LEU CG  CD2  sing N N 201 
LEU CG  HG   sing N N 202 
LEU CD1 HD11 sing N N 203 
LEU CD1 HD12 sing N N 204 
LEU CD1 HD13 sing N N 205 
LEU CD2 HD21 sing N N 206 
LEU CD2 HD22 sing N N 207 
LEU CD2 HD23 sing N N 208 
LEU OXT HXT  sing N N 209 
LYS N   CA   sing N N 210 
LYS N   H    sing N N 211 
LYS N   H2   sing N N 212 
LYS CA  C    sing N N 213 
LYS CA  CB   sing N N 214 
LYS CA  HA   sing N N 215 
LYS C   O    doub N N 216 
LYS C   OXT  sing N N 217 
LYS CB  CG   sing N N 218 
LYS CB  HB2  sing N N 219 
LYS CB  HB3  sing N N 220 
LYS CG  CD   sing N N 221 
LYS CG  HG2  sing N N 222 
LYS CG  HG3  sing N N 223 
LYS CD  CE   sing N N 224 
LYS CD  HD2  sing N N 225 
LYS CD  HD3  sing N N 226 
LYS CE  NZ   sing N N 227 
LYS CE  HE2  sing N N 228 
LYS CE  HE3  sing N N 229 
LYS NZ  HZ1  sing N N 230 
LYS NZ  HZ2  sing N N 231 
LYS NZ  HZ3  sing N N 232 
LYS OXT HXT  sing N N 233 
PHE N   CA   sing N N 234 
PHE N   H    sing N N 235 
PHE N   H2   sing N N 236 
PHE CA  C    sing N N 237 
PHE CA  CB   sing N N 238 
PHE CA  HA   sing N N 239 
PHE C   O    doub N N 240 
PHE C   OXT  sing N N 241 
PHE CB  CG   sing N N 242 
PHE CB  HB2  sing N N 243 
PHE CB  HB3  sing N N 244 
PHE CG  CD1  doub Y N 245 
PHE CG  CD2  sing Y N 246 
PHE CD1 CE1  sing Y N 247 
PHE CD1 HD1  sing N N 248 
PHE CD2 CE2  doub Y N 249 
PHE CD2 HD2  sing N N 250 
PHE CE1 CZ   doub Y N 251 
PHE CE1 HE1  sing N N 252 
PHE CE2 CZ   sing Y N 253 
PHE CE2 HE2  sing N N 254 
PHE CZ  HZ   sing N N 255 
PHE OXT HXT  sing N N 256 
PRO N   CA   sing N N 257 
PRO N   CD   sing N N 258 
PRO N   H    sing N N 259 
PRO CA  C    sing N N 260 
PRO CA  CB   sing N N 261 
PRO CA  HA   sing N N 262 
PRO C   O    doub N N 263 
PRO C   OXT  sing N N 264 
PRO CB  CG   sing N N 265 
PRO CB  HB2  sing N N 266 
PRO CB  HB3  sing N N 267 
PRO CG  CD   sing N N 268 
PRO CG  HG2  sing N N 269 
PRO CG  HG3  sing N N 270 
PRO CD  HD2  sing N N 271 
PRO CD  HD3  sing N N 272 
PRO OXT HXT  sing N N 273 
SER N   CA   sing N N 274 
SER N   H    sing N N 275 
SER N   H2   sing N N 276 
SER CA  C    sing N N 277 
SER CA  CB   sing N N 278 
SER CA  HA   sing N N 279 
SER C   O    doub N N 280 
SER C   OXT  sing N N 281 
SER CB  OG   sing N N 282 
SER CB  HB2  sing N N 283 
SER CB  HB3  sing N N 284 
SER OG  HG   sing N N 285 
SER OXT HXT  sing N N 286 
THR N   CA   sing N N 287 
THR N   H    sing N N 288 
THR N   H2   sing N N 289 
THR CA  C    sing N N 290 
THR CA  CB   sing N N 291 
THR CA  HA   sing N N 292 
THR C   O    doub N N 293 
THR C   OXT  sing N N 294 
THR CB  OG1  sing N N 295 
THR CB  CG2  sing N N 296 
THR CB  HB   sing N N 297 
THR OG1 HG1  sing N N 298 
THR CG2 HG21 sing N N 299 
THR CG2 HG22 sing N N 300 
THR CG2 HG23 sing N N 301 
THR OXT HXT  sing N N 302 
TYR N   CA   sing N N 303 
TYR N   H    sing N N 304 
TYR N   H2   sing N N 305 
TYR CA  C    sing N N 306 
TYR CA  CB   sing N N 307 
TYR CA  HA   sing N N 308 
TYR C   O    doub N N 309 
TYR C   OXT  sing N N 310 
TYR CB  CG   sing N N 311 
TYR CB  HB2  sing N N 312 
TYR CB  HB3  sing N N 313 
TYR CG  CD1  doub Y N 314 
TYR CG  CD2  sing Y N 315 
TYR CD1 CE1  sing Y N 316 
TYR CD1 HD1  sing N N 317 
TYR CD2 CE2  doub Y N 318 
TYR CD2 HD2  sing N N 319 
TYR CE1 CZ   doub Y N 320 
TYR CE1 HE1  sing N N 321 
TYR CE2 CZ   sing Y N 322 
TYR CE2 HE2  sing N N 323 
TYR CZ  OH   sing N N 324 
TYR OH  HH   sing N N 325 
TYR OXT HXT  sing N N 326 
VAL N   CA   sing N N 327 
VAL N   H    sing N N 328 
VAL N   H2   sing N N 329 
VAL CA  C    sing N N 330 
VAL CA  CB   sing N N 331 
VAL CA  HA   sing N N 332 
VAL C   O    doub N N 333 
VAL C   OXT  sing N N 334 
VAL CB  CG1  sing N N 335 
VAL CB  CG2  sing N N 336 
VAL CB  HB   sing N N 337 
VAL CG1 HG11 sing N N 338 
VAL CG1 HG12 sing N N 339 
VAL CG1 HG13 sing N N 340 
VAL CG2 HG21 sing N N 341 
VAL CG2 HG22 sing N N 342 
VAL CG2 HG23 sing N N 343 
VAL OXT HXT  sing N N 344 
# 
_pdbx_audit_support.funding_organization   'Department of Biotechnology (DBT, India)' 
_pdbx_audit_support.country                India 
_pdbx_audit_support.grant_number           ? 
_pdbx_audit_support.ordinal                1 
# 
_pdbx_initial_refinement_model.id               1 
_pdbx_initial_refinement_model.entity_id_list   ? 
_pdbx_initial_refinement_model.type             'experimental model' 
_pdbx_initial_refinement_model.source_name      PDB 
_pdbx_initial_refinement_model.accession_code   6IWM 
_pdbx_initial_refinement_model.details          ? 
# 
_space_group.name_H-M_alt     'I 41' 
_space_group.name_Hall        'I 4bw' 
_space_group.IT_number        80 
_space_group.crystal_system   tetragonal 
_space_group.id               1 
# 
_atom_sites.entry_id                    7W9A 
_atom_sites.Cartn_transf_matrix[1][1]   ? 
_atom_sites.Cartn_transf_matrix[1][2]   ? 
_atom_sites.Cartn_transf_matrix[1][3]   ? 
_atom_sites.Cartn_transf_matrix[2][1]   ? 
_atom_sites.Cartn_transf_matrix[2][2]   ? 
_atom_sites.Cartn_transf_matrix[2][3]   ? 
_atom_sites.Cartn_transf_matrix[3][1]   ? 
_atom_sites.Cartn_transf_matrix[3][2]   ? 
_atom_sites.Cartn_transf_matrix[3][3]   ? 
_atom_sites.Cartn_transf_vector[1]      ? 
_atom_sites.Cartn_transf_vector[2]      ? 
_atom_sites.Cartn_transf_vector[3]      ? 
_atom_sites.fract_transf_matrix[1][1]   -0.00614374 
_atom_sites.fract_transf_matrix[1][2]   -0.02440807 
_atom_sites.fract_transf_matrix[1][3]   0.00397265 
_atom_sites.fract_transf_matrix[2][1]   0.00245211 
_atom_sites.fract_transf_matrix[2][2]   0.00347195 
_atom_sites.fract_transf_matrix[2][3]   0.02512397 
_atom_sites.fract_transf_matrix[3][1]   -0.01019602 
_atom_sites.fract_transf_matrix[3][2]   0.00266838 
_atom_sites.fract_transf_matrix[3][3]   0.00062639 
_atom_sites.fract_transf_vector[1]      0.223232 
_atom_sites.fract_transf_vector[2]      -0.300036 
_atom_sites.fract_transf_vector[3]      -0.004299 
_atom_sites.solution_primary            ? 
_atom_sites.solution_secondary          ? 
_atom_sites.solution_hydrogens          ? 
_atom_sites.special_details             ? 
# 
loop_
_atom_type.symbol 
_atom_type.scat_dispersion_real 
_atom_type.scat_dispersion_imag 
_atom_type.scat_Cromer_Mann_a1 
_atom_type.scat_Cromer_Mann_a2 
_atom_type.scat_Cromer_Mann_a3 
_atom_type.scat_Cromer_Mann_a4 
_atom_type.scat_Cromer_Mann_b1 
_atom_type.scat_Cromer_Mann_b2 
_atom_type.scat_Cromer_Mann_b3 
_atom_type.scat_Cromer_Mann_b4 
_atom_type.scat_Cromer_Mann_c 
_atom_type.scat_source 
_atom_type.scat_dispersion_source 
C ? ? 3.54356 2.42580 ? ? 25.62398 1.50364  ? ? 0.0 
;2-Gaussian fit: Grosse-Kunstleve RW, Sauter NK, Adams PD: Newsletter of the IUCr Commission on Crystallographic Computing 2004, 3, 22-31.
;
? 
N ? ? 4.01032 2.96436 ? ? 19.97189 1.75589  ? ? 0.0 
;2-Gaussian fit: Grosse-Kunstleve RW, Sauter NK, Adams PD: Newsletter of the IUCr Commission on Crystallographic Computing 2004, 3, 22-31.
;
? 
O ? ? 4.49882 3.47563 ? ? 15.80542 1.70748  ? ? 0.0 
;2-Gaussian fit: Grosse-Kunstleve RW, Sauter NK, Adams PD: Newsletter of the IUCr Commission on Crystallographic Computing 2004, 3, 22-31.
;
? 
S ? ? 9.55732 6.39887 ? ? 1.23737  29.19336 ? ? 0.0 
;2-Gaussian fit: Grosse-Kunstleve RW, Sauter NK, Adams PD: Newsletter of the IUCr Commission on Crystallographic Computing 2004, 3, 22-31.
;
? 
# 
loop_
_atom_site.group_PDB 
_atom_site.id 
_atom_site.type_symbol 
_atom_site.label_atom_id 
_atom_site.label_alt_id 
_atom_site.label_comp_id 
_atom_site.label_asym_id 
_atom_site.label_entity_id 
_atom_site.label_seq_id 
_atom_site.pdbx_PDB_ins_code 
_atom_site.Cartn_x 
_atom_site.Cartn_y 
_atom_site.Cartn_z 
_atom_site.occupancy 
_atom_site.B_iso_or_equiv 
_atom_site.pdbx_formal_charge 
_atom_site.auth_seq_id 
_atom_site.auth_comp_id 
_atom_site.auth_asym_id 
_atom_site.auth_atom_id 
_atom_site.pdbx_PDB_model_num 
ATOM   1   N N   . VAL A 1 2  ? -6.78447  -0.10083  -13.16095 1.000 56.02972 ? 1   VAL A N   1 
ATOM   2   C CA  . VAL A 1 2  ? -6.47032  0.38476   -11.82306 1.000 48.34972 ? 1   VAL A CA  1 
ATOM   3   C C   . VAL A 1 2  ? -6.26139  1.89339   -11.83832 1.000 35.86972 ? 1   VAL A C   1 
ATOM   4   O O   . VAL A 1 2  ? -5.40441  2.40407   -12.55884 1.000 53.13972 ? 1   VAL A O   1 
ATOM   5   C CB  . VAL A 1 2  ? -5.23193  -0.32689  -11.24766 1.000 51.26972 ? 1   VAL A CB  1 
ATOM   6   C CG1 . VAL A 1 2  ? -4.74822  0.38180   -9.99049  1.000 47.47972 ? 1   VAL A CG1 1 
ATOM   7   C CG2 . VAL A 1 2  ? -5.54670  -1.78735  -10.95411 1.000 28.52972 ? 1   VAL A CG2 1 
ATOM   8   N N   . THR A 1 3  ? -7.05405  2.60328   -11.04182 1.000 39.01971 ? 2   THR A N   1 
ATOM   9   C CA  . THR A 1 3  ? -6.92981  4.04339   -10.88511 1.000 46.51971 ? 2   THR A CA  1 
ATOM   10  C C   . THR A 1 3  ? -6.45623  4.36917   -9.47457  1.000 48.67971 ? 2   THR A C   1 
ATOM   11  O O   . THR A 1 3  ? -6.75177  3.64510   -8.51927  1.000 42.45971 ? 2   THR A O   1 
ATOM   12  C CB  . THR A 1 3  ? -8.25952  4.75260   -11.16472 1.000 50.43971 ? 2   THR A CB  1 
ATOM   13  O OG1 . THR A 1 3  ? -9.03039  4.82349   -9.95906  1.000 52.16971 ? 2   THR A OG1 1 
ATOM   14  C CG2 . THR A 1 3  ? -9.05261  4.00252   -12.22544 1.000 57.83971 ? 2   THR A CG2 1 
ATOM   15  N N   . CYS A 1 4  ? -5.71109  5.47069   -9.35364  1.000 37.44706 ? 3   CYS A N   1 
ATOM   16  C CA  . CYS A 1 4  ? -5.16885  5.86450   -8.05876  1.000 47.76706 ? 3   CYS A CA  1 
ATOM   17  C C   . CYS A 1 4  ? -6.25470  6.26080   -7.06721  1.000 41.51706 ? 3   CYS A C   1 
ATOM   18  O O   . CYS A 1 4  ? -6.02443  6.18409   -5.85586  1.000 37.26706 ? 3   CYS A O   1 
ATOM   19  C CB  . CYS A 1 4  ? -4.17581  7.01388   -8.23178  1.000 37.92706 ? 3   CYS A CB  1 
ATOM   20  S SG  . CYS A 1 4  ? -2.80988  6.65163   -9.35901  1.000 41.54706 ? 3   CYS A SG  1 
ATOM   21  N N   . GLY A 1 5  ? -7.42494  6.68501   -7.54816  1.000 36.67644 ? 4   GLY A N   1 
ATOM   22  C CA  . GLY A 1 5  ? -8.51720  6.98512   -6.63737  1.000 45.97644 ? 4   GLY A CA  1 
ATOM   23  C C   . GLY A 1 5  ? -8.97936  5.76310   -5.86820  1.000 40.44644 ? 4   GLY A C   1 
ATOM   24  O O   . GLY A 1 5  ? -9.26433  5.84099   -4.67072  1.000 45.06644 ? 4   GLY A O   1 
ATOM   25  N N   . GLN A 1 6  ? -9.05357  4.61477   -6.54515  1.000 42.58342 ? 5   GLN A N   1 
ATOM   26  C CA  . GLN A 1 6  ? -9.39706  3.37318   -5.86079  1.000 42.76342 ? 5   GLN A CA  1 
ATOM   27  C C   . GLN A 1 6  ? -8.31933  2.98850   -4.85536  1.000 47.59342 ? 5   GLN A C   1 
ATOM   28  O O   . GLN A 1 6  ? -8.62490  2.50027   -3.76007  1.000 38.52342 ? 5   GLN A O   1 
ATOM   29  C CB  . GLN A 1 6  ? -9.60794  2.25643   -6.88321  1.000 41.42342 ? 5   GLN A CB  1 
ATOM   30  C CG  . GLN A 1 6  ? -10.66601 2.57001   -7.93023  1.000 39.58342 ? 5   GLN A CG  1 
ATOM   31  C CD  . GLN A 1 6  ? -10.51620 1.73215   -9.18671  1.000 54.62342 ? 5   GLN A CD  1 
ATOM   32  O OE1 . GLN A 1 6  ? -9.54049  0.99854   -9.34606  1.000 47.89342 ? 5   GLN A OE1 1 
ATOM   33  N NE2 . GLN A 1 6  ? -11.48635 1.83909   -10.08787 1.000 50.77342 ? 5   GLN A NE2 1 
ATOM   34  N N   . VAL A 1 7  ? -7.05120  3.21199   -5.20924  1.000 39.95859 ? 6   VAL A N   1 
ATOM   35  C CA  . VAL A 1 7  ? -5.95114  2.95024   -4.28371  1.000 44.68859 ? 6   VAL A CA  1 
ATOM   36  C C   . VAL A 1 7  ? -6.11234  3.78845   -3.02124  1.000 35.26859 ? 6   VAL A C   1 
ATOM   37  O O   . VAL A 1 7  ? -6.00482  3.28220   -1.89589  1.000 36.18859 ? 6   VAL A O   1 
ATOM   38  C CB  . VAL A 1 7  ? -4.60071  3.22304   -4.97183  1.000 31.99859 ? 6   VAL A CB  1 
ATOM   39  C CG1 . VAL A 1 7  ? -3.47443  3.26630   -3.94817  1.000 36.24859 ? 6   VAL A CG1 1 
ATOM   40  C CG2 . VAL A 1 7  ? -4.32542  2.17850   -6.04447  1.000 28.84859 ? 6   VAL A CG2 1 
ATOM   41  N N   . ASP A 1 8  ? -6.37445  5.08713   -3.19404  1.000 32.25223 ? 7   ASP A N   1 
ATOM   42  C CA  . ASP A 1 8  ? -6.54961  5.97248   -2.04703  1.000 42.05223 ? 7   ASP A CA  1 
ATOM   43  C C   . ASP A 1 8  ? -7.75122  5.55876   -1.20827  1.000 45.42223 ? 7   ASP A C   1 
ATOM   44  O O   . ASP A 1 8  ? -7.67713  5.53468   0.02569   1.000 41.23223 ? 7   ASP A O   1 
ATOM   45  C CB  . ASP A 1 8  ? -6.70285  7.41896   -2.51793  1.000 41.30223 ? 7   ASP A CB  1 
ATOM   46  C CG  . ASP A 1 8  ? -5.46371  7.94010   -3.21707  1.000 46.09223 ? 7   ASP A CG  1 
ATOM   47  O OD1 . ASP A 1 8  ? -4.50773  7.15774   -3.39940  1.000 49.54223 ? 7   ASP A OD1 1 
ATOM   48  O OD2 . ASP A 1 8  ? -5.44761  9.13243   -3.58819  1.000 63.67223 ? 7   ASP A OD2 1 
ATOM   49  N N   . ALA A 1 9  ? -8.86999  5.23349   -1.86096  1.000 42.68191 ? 8   ALA A N   1 
ATOM   50  C CA  . ALA A 1 9  ? -10.06681 4.84005   -1.12601  1.000 44.48191 ? 8   ALA A CA  1 
ATOM   51  C C   . ALA A 1 9  ? -9.83000  3.56701   -0.32539  1.000 45.88191 ? 8   ALA A C   1 
ATOM   52  O O   . ALA A 1 9  ? -10.32383 3.43180   0.79985   1.000 33.51191 ? 8   ALA A O   1 
ATOM   53  C CB  . ALA A 1 9  ? -11.23904 4.65759   -2.09002  1.000 40.85191 ? 8   ALA A CB  1 
ATOM   54  N N   . ASN A 1 10 ? -9.06739  2.62493   -0.88237  1.000 43.58123 ? 9   ASN A N   1 
ATOM   55  C CA  . ASN A 1 10 ? -8.83658  1.36600   -0.18628  1.000 36.57123 ? 9   ASN A CA  1 
ATOM   56  C C   . ASN A 1 10 ? -7.78979  1.49435   0.91227   1.000 33.03123 ? 9   ASN A C   1 
ATOM   57  O O   . ASN A 1 10 ? -7.83827  0.74423   1.89331   1.000 39.22123 ? 9   ASN A O   1 
ATOM   58  C CB  . ASN A 1 10 ? -8.42667  0.28498   -1.18529  1.000 44.28123 ? 9   ASN A CB  1 
ATOM   59  C CG  . ASN A 1 10 ? -9.61597  -0.32078  -1.89975  1.000 39.55123 ? 9   ASN A CG  1 
ATOM   60  O OD1 . ASN A 1 10 ? -10.61722 -0.66888  -1.27388  1.000 37.10123 ? 9   ASN A OD1 1 
ATOM   61  N ND2 . ASN A 1 10 ? -9.51838  -0.43847  -3.21886  1.000 38.46123 ? 9   ASN A ND2 1 
ATOM   62  N N   . LEU A 1 11 ? -6.84706  2.42675   0.77943   1.000 28.85766 ? 10  LEU A N   1 
ATOM   63  C CA  . LEU A 1 11 ? -5.81900  2.58999   1.79929   1.000 38.79766 ? 10  LEU A CA  1 
ATOM   64  C C   . LEU A 1 11 ? -6.16513  3.64174   2.84633   1.000 38.14766 ? 10  LEU A C   1 
ATOM   65  O O   . LEU A 1 11 ? -5.43423  3.76593   3.83557   1.000 30.07766 ? 10  LEU A O   1 
ATOM   66  C CB  . LEU A 1 11 ? -4.47671  2.93909   1.14758   1.000 28.77766 ? 10  LEU A CB  1 
ATOM   67  C CG  . LEU A 1 11 ? -3.82996  1.81394   0.33509   1.000 43.50766 ? 10  LEU A CG  1 
ATOM   68  C CD1 . LEU A 1 11 ? -2.43049  2.20600   -0.11299  1.000 56.51766 ? 10  LEU A CD1 1 
ATOM   69  C CD2 . LEU A 1 11 ? -3.79938  0.51465   1.13198   1.000 31.26766 ? 10  LEU A CD2 1 
ATOM   70  N N   . ALA A 1 12 ? -7.24771  4.39416   2.65602   1.000 49.96863 ? 11  ALA A N   1 
ATOM   71  C CA  . ALA A 1 12 ? -7.64596  5.39857   3.63989   1.000 34.12863 ? 11  ALA A CA  1 
ATOM   72  C C   . ALA A 1 12 ? -7.78067  4.86840   5.06538   1.000 36.35863 ? 11  ALA A C   1 
ATOM   73  O O   . ALA A 1 12 ? -7.30344  5.55112   5.98802   1.000 41.26863 ? 11  ALA A O   1 
ATOM   74  C CB  . ALA A 1 12 ? -8.95394  6.06592   3.18782   1.000 41.08863 ? 11  ALA A CB  1 
ATOM   75  N N   . PRO A 1 13 ? -8.39409  3.70765   5.33145   1.000 39.99877 ? 12  PRO A N   1 
ATOM   76  C CA  . PRO A 1 13 ? -8.46353  3.22606   6.72065   1.000 30.65877 ? 12  PRO A CA  1 
ATOM   77  C C   . PRO A 1 13 ? -7.12176  2.81584   7.30861   1.000 27.85877 ? 12  PRO A C   1 
ATOM   78  O O   . PRO A 1 13 ? -7.07098  2.46467   8.49326   1.000 38.40877 ? 12  PRO A O   1 
ATOM   79  C CB  . PRO A 1 13 ? -9.41076  2.01747   6.62780   1.000 34.92877 ? 12  PRO A CB  1 
ATOM   80  C CG  . PRO A 1 13 ? -10.15538 2.20450   5.35599   1.000 46.65877 ? 12  PRO A CG  1 
ATOM   81  C CD  . PRO A 1 13 ? -9.17618  2.84139   4.43071   1.000 44.48877 ? 12  PRO A CD  1 
ATOM   82  N N   . CYS A 1 14 ? -6.03876  2.84394   6.53293   1.000 37.39321 ? 13  CYS A N   1 
ATOM   83  C CA  . CYS A 1 14 ? -4.72130  2.47743   7.03470   1.000 41.76321 ? 13  CYS A CA  1 
ATOM   84  C C   . CYS A 1 14 ? -3.93629  3.66232   7.58127   1.000 32.90321 ? 13  CYS A C   1 
ATOM   85  O O   . CYS A 1 14 ? -2.88661  3.45450   8.19884   1.000 35.39321 ? 13  CYS A O   1 
ATOM   86  C CB  . CYS A 1 14 ? -3.90571  1.79481   5.93194   1.000 36.76321 ? 13  CYS A CB  1 
ATOM   87  S SG  . CYS A 1 14 ? -4.61562  0.24363   5.33794   1.000 40.85321 ? 13  CYS A SG  1 
ATOM   88  N N   . VAL A 1 15 ? -4.41660  4.88998   7.37152   1.000 37.76299 ? 14  VAL A N   1 
ATOM   89  C CA  . VAL A 1 15 ? -3.70551  6.06419   7.88343   1.000 41.52299 ? 14  VAL A CA  1 
ATOM   90  C C   . VAL A 1 15 ? -3.53460  6.01902   9.40003   1.000 35.30299 ? 14  VAL A C   1 
ATOM   91  O O   . VAL A 1 15 ? -2.42890  6.32197   9.88046   1.000 41.20299 ? 14  VAL A O   1 
ATOM   92  C CB  . VAL A 1 15 ? -4.39775  7.35112   7.40044   1.000 39.62299 ? 14  VAL A CB  1 
ATOM   93  C CG1 . VAL A 1 15 ? -3.72953  8.57761   8.00196   1.000 47.00299 ? 14  VAL A CG1 1 
ATOM   94  C CG2 . VAL A 1 15 ? -4.37976  7.42102   5.88188   1.000 32.47299 ? 14  VAL A CG2 1 
ATOM   95  N N   . PRO A 1 16 ? -4.55113  5.66871   10.20207  1.000 37.45301 ? 15  PRO A N   1 
ATOM   96  C CA  . PRO A 1 16 ? -4.31032  5.57408   11.65379  1.000 45.56301 ? 15  PRO A CA  1 
ATOM   97  C C   . PRO A 1 16 ? -3.20857  4.59702   12.02473  1.000 38.82301 ? 15  PRO A C   1 
ATOM   98  O O   . PRO A 1 16 ? -2.38639  4.90909   12.89269  1.000 38.28301 ? 15  PRO A O   1 
ATOM   99  C CB  . PRO A 1 16 ? -5.67318  5.13322   12.20449  1.000 50.25301 ? 15  PRO A CB  1 
ATOM   100 C CG  . PRO A 1 16 ? -6.65049  5.64431   11.21962  1.000 46.01301 ? 15  PRO A CG  1 
ATOM   101 C CD  . PRO A 1 16 ? -5.98300  5.50176   9.88520   1.000 47.81301 ? 15  PRO A CD  1 
ATOM   102 N N   . PHE A 1 17 ? -3.16157  3.42064   11.39377  1.000 43.35273 ? 16  PHE A N   1 
ATOM   103 C CA  . PHE A 1 17 ? -2.07882  2.48636   11.68588  1.000 34.60273 ? 16  PHE A CA  1 
ATOM   104 C C   . PHE A 1 17 ? -0.74566  2.99112   11.15040  1.000 40.75273 ? 16  PHE A C   1 
ATOM   105 O O   . PHE A 1 17 ? 0.30125   2.73676   11.75664  1.000 41.96273 ? 16  PHE A O   1 
ATOM   106 C CB  . PHE A 1 17 ? -2.39054  1.10488   11.10648  1.000 43.04273 ? 16  PHE A CB  1 
ATOM   107 C CG  . PHE A 1 17 ? -1.18203  0.21441   10.97588  1.000 32.29273 ? 16  PHE A CG  1 
ATOM   108 C CD1 . PHE A 1 17 ? -0.68934  -0.47246  12.07410  1.000 41.31273 ? 16  PHE A CD1 1 
ATOM   109 C CD2 . PHE A 1 17 ? -0.53860  0.06542   9.75575   1.000 44.87273 ? 16  PHE A CD2 1 
ATOM   110 C CE1 . PHE A 1 17 ? 0.42200   -1.28884  11.95950  1.000 37.50273 ? 16  PHE A CE1 1 
ATOM   111 C CE2 . PHE A 1 17 ? 0.57353   -0.74850  9.63557   1.000 36.24273 ? 16  PHE A CE2 1 
ATOM   112 C CZ  . PHE A 1 17 ? 1.05309   -1.42762  10.73913  1.000 45.86273 ? 16  PHE A CZ  1 
ATOM   113 N N   . LEU A 1 18 ? -0.76066  3.70379   10.02255  1.000 35.11511 ? 17  LEU A N   1 
ATOM   114 C CA  . LEU A 1 18 ? 0.48267   4.17867   9.42973   1.000 45.24511 ? 17  LEU A CA  1 
ATOM   115 C C   . LEU A 1 18 ? 1.08009   5.35415   10.19277  1.000 47.49511 ? 17  LEU A C   1 
ATOM   116 O O   . LEU A 1 18 ? 2.28301   5.60602   10.06894  1.000 38.32511 ? 17  LEU A O   1 
ATOM   117 C CB  . LEU A 1 18 ? 0.25309   4.56152   7.96660   1.000 31.09511 ? 17  LEU A CB  1 
ATOM   118 C CG  . LEU A 1 18 ? 0.02844   3.39217   7.00156   1.000 39.04511 ? 17  LEU A CG  1 
ATOM   119 C CD1 . LEU A 1 18 ? -0.15577  3.88989   5.57636   1.000 46.19511 ? 17  LEU A CD1 1 
ATOM   120 C CD2 . LEU A 1 18 ? 1.17114   2.39034   7.08165   1.000 34.55511 ? 17  LEU A CD2 1 
ATOM   121 N N   . THR A 1 19 ? 0.27747   6.07699   10.97356  1.000 31.40941 ? 18  THR A N   1 
ATOM   122 C CA  . THR A 1 19 ? 0.78952   7.18213   11.77783  1.000 41.82941 ? 18  THR A CA  1 
ATOM   123 C C   . THR A 1 19 ? 0.99024   6.81866   13.24422  1.000 46.69941 ? 18  THR A C   1 
ATOM   124 O O   . THR A 1 19 ? 1.95821   7.27514   13.85969  1.000 47.92941 ? 18  THR A O   1 
ATOM   125 C CB  . THR A 1 19 ? -0.14440  8.39492   11.68713  1.000 40.90941 ? 18  THR A CB  1 
ATOM   126 O OG1 . THR A 1 19 ? -1.36346  8.11922   12.38772  1.000 54.51941 ? 18  THR A OG1 1 
ATOM   127 C CG2 . THR A 1 19 ? -0.45606  8.73014   10.23920  1.000 36.58941 ? 18  THR A CG2 1 
ATOM   128 N N   . GLN A 1 20 ? 0.10553   6.00633   13.82208  1.000 37.46418 ? 19  GLN A N   1 
ATOM   129 C CA  . GLN A 1 20 ? 0.15214   5.68051   15.24032  1.000 46.55418 ? 19  GLN A CA  1 
ATOM   130 C C   . GLN A 1 20 ? 0.56526   4.24224   15.51871  1.000 47.68418 ? 19  GLN A C   1 
ATOM   131 O O   . GLN A 1 20 ? 0.61282   3.84404   16.68742  1.000 41.52418 ? 19  GLN A O   1 
ATOM   132 C CB  . GLN A 1 20 ? -1.21011  5.95196   15.88924  1.000 46.73418 ? 19  GLN A CB  1 
ATOM   133 C CG  . GLN A 1 20 ? -1.87336  7.23919   15.43398  1.000 49.92418 ? 19  GLN A CG  1 
ATOM   134 C CD  . GLN A 1 20 ? -3.33238  7.31204   15.83517  1.000 54.25418 ? 19  GLN A CD  1 
ATOM   135 O OE1 . GLN A 1 20 ? -4.17299  7.80041   15.07965  1.000 67.36418 ? 19  GLN A OE1 1 
ATOM   136 N NE2 . GLN A 1 20 ? -3.64214  6.82064   17.02943  1.000 57.20418 ? 19  GLN A NE2 1 
ATOM   137 N N   . GLY A 1 21 ? 0.85441   3.45080   14.48755  1.000 49.32332 ? 20  GLY A N   1 
ATOM   138 C CA  . GLY A 1 21 ? 1.30899   2.09391   14.72106  1.000 39.72332 ? 20  GLY A CA  1 
ATOM   139 C C   . GLY A 1 21 ? 0.22754   1.20790   15.31809  1.000 56.73332 ? 20  GLY A C   1 
ATOM   140 O O   . GLY A 1 21 ? -0.97253  1.39462   15.09338  1.000 38.06332 ? 20  GLY A O   1 
ATOM   141 N N   . GLY A 1 22 ? 0.66898   0.22756   16.10244  1.000 58.51303 ? 21  GLY A N   1 
ATOM   142 C CA  . GLY A 1 22 ? -0.23428  -0.74791  16.67798  1.000 56.43303 ? 21  GLY A CA  1 
ATOM   143 C C   . GLY A 1 22 ? -0.55455  -1.86136  15.70403  1.000 46.99303 ? 21  GLY A C   1 
ATOM   144 O O   . GLY A 1 22 ? 0.32816   -2.33594  14.98356  1.000 46.13303 ? 21  GLY A O   1 
ATOM   145 N N   . GLU A 1 23 ? -1.81067  -2.28824  15.67080  1.000 53.68794 ? 22  GLU A N   1 
ATOM   146 C CA  . GLU A 1 23 ? -2.20815  -3.28948  14.69901  1.000 58.24794 ? 22  GLU A CA  1 
ATOM   147 C C   . GLU A 1 23 ? -3.18014  -2.68798  13.69336  1.000 50.99794 ? 22  GLU A C   1 
ATOM   148 O O   . GLU A 1 23 ? -4.06741  -1.91712  14.07651  1.000 41.89794 ? 22  GLU A O   1 
ATOM   149 C CB  . GLU A 1 23 ? -2.86645  -4.49768  15.37849  1.000 38.51794 ? 22  GLU A CB  1 
ATOM   150 C CG  . GLU A 1 23 ? -2.05516  -5.09736  16.52230  1.000 55.33794 ? 22  GLU A CG  1 
ATOM   151 C CD  . GLU A 1 23 ? -0.68240  -5.57457  16.08795  1.000 59.17794 ? 22  GLU A CD  1 
ATOM   152 O OE1 . GLU A 1 23 ? -0.53821  -5.98182  14.91765  1.000 63.24794 ? 22  GLU A OE1 1 
ATOM   153 O OE2 . GLU A 1 23 ? 0.25214   -5.54237  16.91659  1.000 64.93794 ? 22  GLU A OE2 1 
ATOM   154 N N   . PRO A 1 24 ? -3.03495  -3.00409  12.40730  1.000 51.07343 ? 23  PRO A N   1 
ATOM   155 C CA  . PRO A 1 24 ? -4.00864  -2.52021  11.42072  1.000 45.35343 ? 23  PRO A CA  1 
ATOM   156 C C   . PRO A 1 24 ? -5.36873  -3.15007  11.67788  1.000 58.82343 ? 23  PRO A C   1 
ATOM   157 O O   . PRO A 1 24 ? -5.47632  -4.35829  11.89851  1.000 61.37343 ? 23  PRO A O   1 
ATOM   158 C CB  . PRO A 1 24 ? -3.41726  -2.97270  10.08085  1.000 50.96343 ? 23  PRO A CB  1 
ATOM   159 C CG  . PRO A 1 24 ? -2.54884  -4.13638  10.42875  1.000 52.02343 ? 23  PRO A CG  1 
ATOM   160 C CD  . PRO A 1 24 ? -2.00149  -3.85870  11.79926  1.000 42.00343 ? 23  PRO A CD  1 
ATOM   161 N N   . GLY A 1 25 ? -6.40501  -2.32120  11.66523  1.000 55.07102 ? 24  GLY A N   1 
ATOM   162 C CA  . GLY A 1 25 ? -7.74501  -2.79612  11.92219  1.000 48.20102 ? 24  GLY A CA  1 
ATOM   163 C C   . GLY A 1 25 ? -8.27886  -3.64255  10.78170  1.000 56.92102 ? 24  GLY A C   1 
ATOM   164 O O   . GLY A 1 25 ? -7.60375  -3.93157  9.79267   1.000 51.34102 ? 24  GLY A O   1 
ATOM   165 N N   . ALA A 1 26 ? -9.54000  -4.04928  10.93574  1.000 58.47844 ? 25  ALA A N   1 
ATOM   166 C CA  . ALA A 1 26 ? -10.17476 -4.88189  9.92023   1.000 49.87844 ? 25  ALA A CA  1 
ATOM   167 C C   . ALA A 1 26 ? -10.36839 -4.11717  8.61684   1.000 40.35844 ? 25  ALA A C   1 
ATOM   168 O O   . ALA A 1 26 ? -10.18389 -4.67709  7.53032   1.000 42.03844 ? 25  ALA A O   1 
ATOM   169 C CB  . ALA A 1 26 ? -11.51101 -5.41108  10.43835  1.000 41.05844 ? 25  ALA A CB  1 
ATOM   170 N N   . ALA A 1 27 ? -10.73262 -2.83556  8.70458   1.000 33.65666 ? 26  ALA A N   1 
ATOM   171 C CA  . ALA A 1 27 ? -10.96505 -2.04614  7.49890   1.000 45.14666 ? 26  ALA A CA  1 
ATOM   172 C C   . ALA A 1 27 ? -9.68190  -1.85967  6.69754   1.000 49.83666 ? 26  ALA A C   1 
ATOM   173 O O   . ALA A 1 27 ? -9.69258  -1.96466  5.46527   1.000 34.37666 ? 26  ALA A O   1 
ATOM   174 C CB  . ALA A 1 27 ? -11.57133 -0.69278  7.86906   1.000 35.57666 ? 26  ALA A CB  1 
ATOM   175 N N   . CYS A 1 28 ? -8.56476  -1.59092  7.37745   1.000 40.27505 ? 27  CYS A N   1 
ATOM   176 C CA  . CYS A 1 28 ? -7.30567  -1.38297  6.66910   1.000 43.85505 ? 27  CYS A CA  1 
ATOM   177 C C   . CYS A 1 28 ? -6.84460  -2.65526  5.96869   1.000 39.34505 ? 27  CYS A C   1 
ATOM   178 O O   . CYS A 1 28 ? -6.41471  -2.61077  4.81025   1.000 32.68505 ? 27  CYS A O   1 
ATOM   179 C CB  . CYS A 1 28 ? -6.23139  -0.88823  7.63547   1.000 45.91505 ? 27  CYS A CB  1 
ATOM   180 S SG  . CYS A 1 28 ? -4.55691  -0.97177  6.96231   1.000 39.92505 ? 27  CYS A SG  1 
ATOM   181 N N   . CYS A 1 29 ? -6.91813  -3.79696  6.65581   1.000 32.96251 ? 28  CYS A N   1 
ATOM   182 C CA  . CYS A 1 29 ? -6.52594  -5.05641  6.03193   1.000 40.49251 ? 28  CYS A CA  1 
ATOM   183 C C   . CYS A 1 29 ? -7.46851  -5.42230  4.89253   1.000 46.20251 ? 28  CYS A C   1 
ATOM   184 O O   . CYS A 1 29 ? -7.03373  -5.96416  3.86845   1.000 41.42251 ? 28  CYS A O   1 
ATOM   185 C CB  . CYS A 1 29 ? -6.48213  -6.16821  7.07931   1.000 49.95251 ? 28  CYS A CB  1 
ATOM   186 S SG  . CYS A 1 29 ? -4.95498  -6.19819  8.04323   1.000 46.47251 ? 28  CYS A SG  1 
ATOM   187 N N   . SER A 1 30 ? -8.76139  -5.12522  5.04851   1.000 30.83917 ? 29  SER A N   1 
ATOM   188 C CA  . SER A 1 30 ? -9.70735  -5.34572  3.96056   1.000 37.62917 ? 29  SER A CA  1 
ATOM   189 C C   . SER A 1 30 ? -9.34625  -4.50554  2.74182   1.000 34.63917 ? 29  SER A C   1 
ATOM   190 O O   . SER A 1 30 ? -9.39071  -4.99410  1.60845   1.000 33.82917 ? 29  SER A O   1 
ATOM   191 C CB  . SER A 1 30 ? -11.12799 -5.03320  4.43177   1.000 29.51917 ? 29  SER A CB  1 
ATOM   192 O OG  . SER A 1 30 ? -12.08042 -5.83490  3.75591   1.000 58.25917 ? 29  SER A OG  1 
ATOM   193 N N   . GLY A 1 31 ? -8.97176  -3.24265  2.95602   1.000 33.78308 ? 30  GLY A N   1 
ATOM   194 C CA  . GLY A 1 31 ? -8.56375  -2.40386  1.83863   1.000 21.75308 ? 30  GLY A CA  1 
ATOM   195 C C   . GLY A 1 31 ? -7.27937  -2.88065  1.18609   1.000 32.60308 ? 30  GLY A C   1 
ATOM   196 O O   . GLY A 1 31 ? -7.14998  -2.86192  -0.04330  1.000 36.64308 ? 30  GLY A O   1 
ATOM   197 N N   . VAL A 1 32 ? -6.31525  -3.31836  1.99921   1.000 30.17300 ? 31  VAL A N   1 
ATOM   198 C CA  . VAL A 1 32 ? -5.05816  -3.83815  1.46507   1.000 39.95300 ? 31  VAL A CA  1 
ATOM   199 C C   . VAL A 1 32 ? -5.31713  -5.06697  0.60117   1.000 34.28300 ? 31  VAL A C   1 
ATOM   200 O O   . VAL A 1 32 ? -4.77674  -5.19865  -0.50439  1.000 32.39300 ? 31  VAL A O   1 
ATOM   201 C CB  . VAL A 1 32 ? -4.07749  -4.14837  2.61111   1.000 37.82300 ? 31  VAL A CB  1 
ATOM   202 C CG1 . VAL A 1 32 ? -2.88164  -4.93543  2.09616   1.000 32.36300 ? 31  VAL A CG1 1 
ATOM   203 C CG2 . VAL A 1 32 ? -3.62109  -2.86190  3.28047   1.000 39.27300 ? 31  VAL A CG2 1 
ATOM   204 N N   . LYS A 1 33 ? -6.16012  -5.98161  1.08802   1.000 34.65342 ? 32  LYS A N   1 
ATOM   205 C CA  . LYS A 1 33 ? -6.45613  -7.18614  0.31983   1.000 31.39342 ? 32  LYS A CA  1 
ATOM   206 C C   . LYS A 1 33 ? -7.28567  -6.87515  -0.92044  1.000 30.52342 ? 32  LYS A C   1 
ATOM   207 O O   . LYS A 1 33 ? -7.10693  -7.52123  -1.95682  1.000 27.07342 ? 32  LYS A O   1 
ATOM   208 C CB  . LYS A 1 33 ? -7.16474  -8.21204  1.20381   1.000 39.55342 ? 32  LYS A CB  1 
ATOM   209 C CG  . LYS A 1 33 ? -6.22941  -8.92677  2.17026   1.000 29.57342 ? 32  LYS A CG  1 
ATOM   210 C CD  . LYS A 1 33 ? -6.93539  -10.04504 2.91439   1.000 44.08342 ? 32  LYS A CD  1 
ATOM   211 C CE  . LYS A 1 33 ? -8.04559  -9.50627  3.79743   1.000 45.40342 ? 32  LYS A CE  1 
ATOM   212 N NZ  . LYS A 1 33 ? -8.45125  -10.49909 4.82930   1.000 49.28342 ? 32  LYS A NZ  1 
ATOM   213 N N   . THR A 1 34 ? -8.18425  -5.89175  -0.84117  1.000 38.73157 ? 33  THR A N   1 
ATOM   214 C CA  . THR A 1 34 ? -8.91393  -5.44833  -2.02464  1.000 26.99157 ? 33  THR A CA  1 
ATOM   215 C C   . THR A 1 34 ? -7.95535  -4.95154  -3.10054  1.000 33.49157 ? 33  THR A C   1 
ATOM   216 O O   . THR A 1 34 ? -8.04047  -5.35826  -4.26810  1.000 30.68157 ? 33  THR A O   1 
ATOM   217 C CB  . THR A 1 34 ? -9.90449  -4.34901  -1.63545  1.000 23.89157 ? 33  THR A CB  1 
ATOM   218 O OG1 . THR A 1 34 ? -10.92391 -4.89360  -0.78701  1.000 45.16157 ? 33  THR A OG1 1 
ATOM   219 C CG2 . THR A 1 34 ? -10.54123 -3.73772  -2.86625  1.000 33.11157 ? 33  THR A CG2 1 
ATOM   220 N N   . LEU A 1 35 ? -7.02638  -4.07131  -2.71703  1.000 32.30682 ? 34  LEU A N   1 
ATOM   221 C CA  . LEU A 1 35 ? -6.04864  -3.55889  -3.67194  1.000 42.79682 ? 34  LEU A CA  1 
ATOM   222 C C   . LEU A 1 35 ? -5.18809  -4.68065  -4.24067  1.000 26.16682 ? 34  LEU A C   1 
ATOM   223 O O   . LEU A 1 35 ? -4.90042  -4.70335  -5.44356  1.000 32.68682 ? 34  LEU A O   1 
ATOM   224 C CB  . LEU A 1 35 ? -5.17234  -2.49910  -3.00503  1.000 35.86682 ? 34  LEU A CB  1 
ATOM   225 C CG  . LEU A 1 35 ? -4.31423  -1.62912  -3.92563  1.000 48.35682 ? 34  LEU A CG  1 
ATOM   226 C CD1 . LEU A 1 35 ? -5.01906  -1.36282  -5.24953  1.000 53.01682 ? 34  LEU A CD1 1 
ATOM   227 C CD2 . LEU A 1 35 ? -3.95014  -0.32556  -3.23382  1.000 57.46682 ? 34  LEU A CD2 1 
ATOM   228 N N   . ASN A 1 36 ? -4.76851  -5.62074  -3.39021  1.000 33.86203 ? 35  ASN A N   1 
ATOM   229 C CA  . ASN A 1 36 ? -3.92956  -6.72058  -3.85512  1.000 29.49203 ? 35  ASN A CA  1 
ATOM   230 C C   . ASN A 1 36 ? -4.67749  -7.61436  -4.83707  1.000 29.65203 ? 35  ASN A C   1 
ATOM   231 O O   . ASN A 1 36 ? -4.10932  -8.05713  -5.84209  1.000 32.55203 ? 35  ASN A O   1 
ATOM   232 C CB  . ASN A 1 36 ? -3.42982  -7.53427  -2.66097  1.000 32.58203 ? 35  ASN A CB  1 
ATOM   233 C CG  . ASN A 1 36 ? -2.31558  -8.49099  -3.03280  1.000 38.38203 ? 35  ASN A CG  1 
ATOM   234 O OD1 . ASN A 1 36 ? -1.44357  -8.16391  -3.83831  1.000 50.74203 ? 35  ASN A OD1 1 
ATOM   235 N ND2 . ASN A 1 36 ? -2.33814  -9.68268  -2.44538  1.000 38.14203 ? 35  ASN A ND2 1 
ATOM   236 N N   . GLY A 1 37 ? -5.95695  -7.88656  -4.56807  1.000 28.14330 ? 36  GLY A N   1 
ATOM   237 C CA  . GLY A 1 37 ? -6.72811  -8.75847  -5.43302  1.000 24.60330 ? 36  GLY A CA  1 
ATOM   238 C C   . GLY A 1 37 ? -7.22219  -8.11171  -6.70604  1.000 45.35330 ? 36  GLY A C   1 
ATOM   239 O O   . GLY A 1 37 ? -7.54950  -8.82458  -7.65982  1.000 35.75330 ? 36  GLY A O   1 
ATOM   240 N N   . ASN A 1 38 ? -7.28974  -6.78192  -6.74808  1.000 45.39108 ? 37  ASN A N   1 
ATOM   241 C CA  . ASN A 1 38 ? -7.74779  -6.10375  -7.95317  1.000 39.22108 ? 37  ASN A CA  1 
ATOM   242 C C   . ASN A 1 38 ? -6.61541  -5.69515  -8.88761  1.000 53.73108 ? 37  ASN A C   1 
ATOM   243 O O   . ASN A 1 38 ? -6.89105  -5.22226  -9.99552  1.000 50.01108 ? 37  ASN A O   1 
ATOM   244 C CB  . ASN A 1 38 ? -8.58095  -4.87510  -7.58037  1.000 34.06108 ? 37  ASN A CB  1 
ATOM   245 C CG  . ASN A 1 38 ? -9.88041  -5.24703  -6.89689  1.000 62.09108 ? 37  ASN A CG  1 
ATOM   246 O OD1 . ASN A 1 38 ? -10.42997 -6.32383  -7.13135  1.000 49.89108 ? 37  ASN A OD1 1 
ATOM   247 N ND2 . ASN A 1 38 ? -10.38107 -4.35812  -6.05036  1.000 49.89108 ? 37  ASN A ND2 1 
ATOM   248 N N   . ALA A 1 39 ? -5.36180  -5.86866  -8.48085  1.000 46.21098 ? 38  ALA A N   1 
ATOM   249 C CA  . ALA A 1 39 ? -4.20157  -5.58127  -9.32245  1.000 46.71098 ? 38  ALA A CA  1 
ATOM   250 C C   . ALA A 1 39 ? -3.56940  -6.91995  -9.69821  1.000 46.08098 ? 38  ALA A C   1 
ATOM   251 O O   . ALA A 1 39 ? -2.72898  -7.45372  -8.97229  1.000 43.77098 ? 38  ALA A O   1 
ATOM   252 C CB  . ALA A 1 39 ? -3.21172  -4.66691  -8.60655  1.000 45.94098 ? 38  ALA A CB  1 
ATOM   253 N N   . GLN A 1 40 ? -3.98114  -7.45898  -10.84664 1.000 44.83329 ? 39  GLN A N   1 
ATOM   254 C CA  . GLN A 1 40 ? -3.56160  -8.78676  -11.28502 1.000 48.23329 ? 39  GLN A CA  1 
ATOM   255 C C   . GLN A 1 40 ? -2.43033  -8.73004  -12.30727 1.000 47.78329 ? 39  GLN A C   1 
ATOM   256 O O   . GLN A 1 40 ? -1.34656  -9.27126  -12.06882 1.000 37.11329 ? 39  GLN A O   1 
ATOM   257 C CB  . GLN A 1 40 ? -4.76417  -9.54636  -11.86144 1.000 43.87329 ? 39  GLN A CB  1 
ATOM   258 C CG  . GLN A 1 40 ? -6.01252  -9.47517  -10.99739 1.000 51.37329 ? 39  GLN A CG  1 
ATOM   259 C CD  . GLN A 1 40 ? -6.14062  -10.66100 -10.06341 1.000 42.66329 ? 39  GLN A CD  1 
ATOM   260 O OE1 . GLN A 1 40 ? -5.15703  -11.33724 -9.76293  1.000 67.11329 ? 39  GLN A OE1 1 
ATOM   261 N NE2 . GLN A 1 40 ? -7.35719  -10.91987 -9.59789  1.000 43.32329 ? 39  GLN A NE2 1 
ATOM   262 N N   . SER A 1 41 ? -2.66683  -8.08720  -13.44919 1.000 39.31120 ? 40  SER A N   1 
ATOM   263 C CA  . SER A 1 41 ? -1.67438  -8.04614  -14.50907 1.000 53.86120 ? 40  SER A CA  1 
ATOM   264 C C   . SER A 1 41 ? -0.46358  -7.21948  -14.08043 1.000 44.07120 ? 40  SER A C   1 
ATOM   265 O O   . SER A 1 41 ? -0.55587  -6.38991  -13.17234 1.000 38.86120 ? 40  SER A O   1 
ATOM   266 C CB  . SER A 1 41 ? -2.28428  -7.46762  -15.78407 1.000 33.86120 ? 40  SER A CB  1 
ATOM   267 O OG  . SER A 1 41 ? -2.52198  -6.07768  -15.65253 1.000 38.72120 ? 40  SER A OG  1 
ATOM   268 N N   . PRO A 1 42 ? 0.69642   -7.45241  -14.70596 1.000 51.57697 ? 41  PRO A N   1 
ATOM   269 C CA  . PRO A 1 42 ? 1.87548   -6.62927  -14.37716 1.000 29.44697 ? 41  PRO A CA  1 
ATOM   270 C C   . PRO A 1 42 ? 1.63436   -5.13794  -14.54036 1.000 44.44697 ? 41  PRO A C   1 
ATOM   271 O O   . PRO A 1 42 ? 2.14626   -4.34112  -13.74341 1.000 41.66697 ? 41  PRO A O   1 
ATOM   272 C CB  . PRO A 1 42 ? 2.95509   -7.13441  -15.34819 1.000 40.84697 ? 41  PRO A CB  1 
ATOM   273 C CG  . PRO A 1 42 ? 2.38483   -8.31902  -16.05912 1.000 64.42697 ? 41  PRO A CG  1 
ATOM   274 C CD  . PRO A 1 42 ? 1.02951   -8.63084  -15.52348 1.000 40.34697 ? 41  PRO A CD  1 
ATOM   275 N N   . ASP A 1 43 ? 0.86359   -4.73474  -15.55320 1.000 42.97537 ? 42  ASP A N   1 
ATOM   276 C CA  . ASP A 1 43 ? 0.56388   -3.31705  -15.72652 1.000 48.43537 ? 42  ASP A CA  1 
ATOM   277 C C   . ASP A 1 43 ? -0.32157  -2.79853  -14.60032 1.000 42.48537 ? 42  ASP A C   1 
ATOM   278 O O   . ASP A 1 43 ? -0.12325  -1.67855  -14.11494 1.000 44.04537 ? 42  ASP A O   1 
ATOM   279 C CB  . ASP A 1 43 ? -0.09395  -3.07897  -17.08514 1.000 40.27537 ? 42  ASP A CB  1 
ATOM   280 C CG  . ASP A 1 43 ? 0.88833   -3.19116  -18.23364 1.000 41.55537 ? 42  ASP A CG  1 
ATOM   281 O OD1 . ASP A 1 43 ? 0.44451   -3.41307  -19.37913 1.000 44.42537 ? 42  ASP A OD1 1 
ATOM   282 O OD2 . ASP A 1 43 ? 2.10610   -3.05926  -17.98996 1.000 51.94537 ? 42  ASP A OD2 1 
ATOM   283 N N   . ASP A 1 44 ? -1.30243  -3.59800  -14.17096 1.000 41.49631 ? 43  ASP A N   1 
ATOM   284 C CA  . ASP A 1 44 ? -2.12436  -3.21059  -13.02853 1.000 33.90631 ? 43  ASP A CA  1 
ATOM   285 C C   . ASP A 1 44 ? -1.27645  -3.04681  -11.77438 1.000 36.45631 ? 43  ASP A C   1 
ATOM   286 O O   . ASP A 1 44 ? -1.45889  -2.09092  -11.00956 1.000 38.79631 ? 43  ASP A O   1 
ATOM   287 C CB  . ASP A 1 44 ? -3.22307  -4.24701  -12.79196 1.000 31.11631 ? 43  ASP A CB  1 
ATOM   288 C CG  . ASP A 1 44 ? -4.23681  -4.29344  -13.91613 1.000 49.52631 ? 43  ASP A CG  1 
ATOM   289 O OD1 . ASP A 1 44 ? -4.39821  -3.27309  -14.61624 1.000 50.44631 ? 43  ASP A OD1 1 
ATOM   290 O OD2 . ASP A 1 44 ? -4.87312  -5.35365  -14.09831 1.000 59.18631 ? 43  ASP A OD2 1 
ATOM   291 N N   . ARG A 1 45 ? -0.33840  -3.96978  -11.55075 1.000 35.77198 ? 44  ARG A N   1 
ATOM   292 C CA  . ARG A 1 45 ? 0.50284   -3.89579  -10.36247 1.000 33.37198 ? 44  ARG A CA  1 
ATOM   293 C C   . ARG A 1 45 ? 1.43306   -2.69086  -10.41797 1.000 30.27198 ? 44  ARG A C   1 
ATOM   294 O O   . ARG A 1 45 ? 1.65093   -2.02623  -9.40003  1.000 34.68198 ? 44  ARG A O   1 
ATOM   295 C CB  . ARG A 1 45 ? 1.29358   -5.19417  -10.19939 1.000 35.70198 ? 44  ARG A CB  1 
ATOM   296 C CG  . ARG A 1 45 ? 0.40940   -6.41411  -9.97849  1.000 42.33198 ? 44  ARG A CG  1 
ATOM   297 C CD  . ARG A 1 45 ? 1.22019   -7.65720  -9.63623  1.000 42.68198 ? 44  ARG A CD  1 
ATOM   298 N NE  . ARG A 1 45 ? 1.49175   -7.77035  -8.20705  1.000 54.55198 ? 44  ARG A NE  1 
ATOM   299 C CZ  . ARG A 1 45 ? 0.58020   -8.04749  -7.28339  1.000 67.36198 ? 44  ARG A CZ  1 
ATOM   300 N NH1 . ARG A 1 45 ? -0.68912  -8.24852  -7.59996  1.000 53.48198 ? 44  ARG A NH1 1 
ATOM   301 N NH2 . ARG A 1 45 ? 0.95238   -8.12824  -6.00882  1.000 40.27198 ? 44  ARG A NH2 1 
ATOM   302 N N   . LYS A 1 46 ? 1.97386   -2.37918  -11.59949 1.000 31.18258 ? 45  LYS A N   1 
ATOM   303 C CA  . LYS A 1 46 ? 2.81110   -1.18967  -11.73447 1.000 35.85258 ? 45  LYS A CA  1 
ATOM   304 C C   . LYS A 1 46 ? 2.00483   0.08506   -11.50598 1.000 34.09258 ? 45  LYS A C   1 
ATOM   305 O O   . LYS A 1 46 ? 2.47815   1.01722   -10.83915 1.000 33.78258 ? 45  LYS A O   1 
ATOM   306 C CB  . LYS A 1 46 ? 3.47430   -1.16871  -13.11175 1.000 39.93258 ? 45  LYS A CB  1 
ATOM   307 C CG  . LYS A 1 46 ? 4.74977   -1.99238  -13.19560 1.000 38.66258 ? 45  LYS A CG  1 
ATOM   308 C CD  . LYS A 1 46 ? 5.19916   -2.18660  -14.63546 1.000 42.53258 ? 45  LYS A CD  1 
ATOM   309 C CE  . LYS A 1 46 ? 6.51846   -2.94193  -14.70153 1.000 44.00258 ? 45  LYS A CE  1 
ATOM   310 N NZ  . LYS A 1 46 ? 6.91209   -3.25828  -16.10237 1.000 45.78258 ? 45  LYS A NZ  1 
ATOM   311 N N   . THR A 1 47 ? 0.78450   0.14311   -12.04893 1.000 28.63432 ? 46  THR A N   1 
ATOM   312 C CA  . THR A 1 47 ? -0.07774  1.29928   -11.82336 1.000 28.72432 ? 46  THR A CA  1 
ATOM   313 C C   . THR A 1 47 ? -0.36736  1.48062   -10.33954 1.000 37.98432 ? 46  THR A C   1 
ATOM   314 O O   . THR A 1 47 ? -0.26785  2.59213   -9.80594  1.000 40.92432 ? 46  THR A O   1 
ATOM   315 C CB  . THR A 1 47 ? -1.38599  1.14592   -12.60207 1.000 32.02432 ? 46  THR A CB  1 
ATOM   316 O OG1 . THR A 1 47 ? -1.10670  0.74525   -13.94839 1.000 44.43432 ? 46  THR A OG1 1 
ATOM   317 C CG2 . THR A 1 47 ? -2.14922  2.46048   -12.62092 1.000 31.25432 ? 46  THR A CG2 1 
ATOM   318 N N   . ALA A 1 48 ? -0.73358  0.39187   -9.65708  1.000 32.81089 ? 47  ALA A N   1 
ATOM   319 C CA  . ALA A 1 48 ? -1.02636  0.47558   -8.22997  1.000 30.65089 ? 47  ALA A CA  1 
ATOM   320 C C   . ALA A 1 48 ? 0.20849   0.88293   -7.43662  1.000 32.64089 ? 47  ALA A C   1 
ATOM   321 O O   . ALA A 1 48 ? 0.11435   1.67196   -6.48954  1.000 34.70089 ? 47  ALA A O   1 
ATOM   322 C CB  . ALA A 1 48 ? -1.57331  -0.86027  -7.72716  1.000 29.00089 ? 47  ALA A CB  1 
ATOM   323 N N   . CYS A 1 49 ? 1.37734   0.35959   -7.81470  1.000 23.95153 ? 48  CYS A N   1 
ATOM   324 C CA  . CYS A 1 49 ? 2.61571   0.72082   -7.13540  1.000 32.84153 ? 48  CYS A CA  1 
ATOM   325 C C   . CYS A 1 49 ? 2.89614   2.21284   -7.26448  1.000 31.42153 ? 48  CYS A C   1 
ATOM   326 O O   . CYS A 1 49 ? 3.27108   2.87331   -6.28678  1.000 26.37153 ? 48  CYS A O   1 
ATOM   327 C CB  . CYS A 1 49 ? 3.76845   -0.10624  -7.70986  1.000 26.24153 ? 48  CYS A CB  1 
ATOM   328 S SG  . CYS A 1 49 ? 5.39751   0.19597   -6.99269  1.000 38.73153 ? 48  CYS A SG  1 
ATOM   329 N N   . ASN A 1 50 ? 2.70913   2.76738   -8.46348  1.000 27.60478 ? 49  ASN A N   1 
ATOM   330 C CA  . ASN A 1 50 ? 2.97195   4.19144   -8.64384  1.000 30.58478 ? 49  ASN A CA  1 
ATOM   331 C C   . ASN A 1 50 ? 1.92241   5.05510   -7.95053  1.000 32.91478 ? 49  ASN A C   1 
ATOM   332 O O   . ASN A 1 50 ? 2.25244   6.12964   -7.43194  1.000 31.52478 ? 49  ASN A O   1 
ATOM   333 C CB  . ASN A 1 50 ? 3.06774   4.51833   -10.13203 1.000 32.28478 ? 49  ASN A CB  1 
ATOM   334 C CG  . ASN A 1 50 ? 4.44881   4.23751   -10.69192 1.000 27.19478 ? 49  ASN A CG  1 
ATOM   335 O OD1 . ASN A 1 50 ? 5.44940   4.74106   -10.18254 1.000 42.45478 ? 49  ASN A OD1 1 
ATOM   336 N ND2 . ASN A 1 50 ? 4.51308   3.41545   -11.72732 1.000 34.15478 ? 49  ASN A ND2 1 
ATOM   337 N N   . CYS A 1 51 ? 0.66571   4.60212   -7.90785  1.000 23.53448 ? 50  CYS A N   1 
ATOM   338 C CA  . CYS A 1 51 ? -0.33936  5.31428   -7.12089  1.000 38.38448 ? 50  CYS A CA  1 
ATOM   339 C C   . CYS A 1 51 ? 0.03336   5.32941   -5.64259  1.000 37.65448 ? 50  CYS A C   1 
ATOM   340 O O   . CYS A 1 51 ? -0.12544  6.35138   -4.95990  1.000 27.93448 ? 50  CYS A O   1 
ATOM   341 C CB  . CYS A 1 51 ? -1.71788  4.67901   -7.31133  1.000 29.81448 ? 50  CYS A CB  1 
ATOM   342 S SG  . CYS A 1 51 ? -2.36442  4.70049   -8.99903  1.000 41.06448 ? 50  CYS A SG  1 
ATOM   343 N N   . ILE A 1 52 ? 0.53187   4.20151   -5.13136  1.000 28.77870 ? 51  ILE A N   1 
ATOM   344 C CA  . ILE A 1 52 ? 0.94221   4.13805   -3.73325  1.000 34.09870 ? 51  ILE A CA  1 
ATOM   345 C C   . ILE A 1 52 ? 2.12307   5.06724   -3.48578  1.000 34.62870 ? 51  ILE A C   1 
ATOM   346 O O   . ILE A 1 52 ? 2.20616   5.72415   -2.44146  1.000 33.66870 ? 51  ILE A O   1 
ATOM   347 C CB  . ILE A 1 52 ? 1.26766   2.68693   -3.33532  1.000 30.39870 ? 51  ILE A CB  1 
ATOM   348 C CG1 . ILE A 1 52 ? -0.00435  1.83887   -3.31806  1.000 30.59870 ? 51  ILE A CG1 1 
ATOM   349 C CG2 . ILE A 1 52 ? 1.91775   2.64765   -1.96487  1.000 36.12870 ? 51  ILE A CG2 1 
ATOM   350 C CD1 . ILE A 1 52 ? 0.25411   0.34948   -3.44415  1.000 35.65870 ? 51  ILE A CD1 1 
ATOM   351 N N   . LYS A 1 53 ? 3.05081   5.14421   -4.44268  1.000 34.63435 ? 52  LYS A N   1 
ATOM   352 C CA  . LYS A 1 53 ? 4.17224   6.06940   -4.30068  1.000 42.24435 ? 52  LYS A CA  1 
ATOM   353 C C   . LYS A 1 53 ? 3.69743   7.51860   -4.27562  1.000 26.40435 ? 52  LYS A C   1 
ATOM   354 O O   . LYS A 1 53 ? 4.21339   8.33536   -3.50320  1.000 29.01435 ? 52  LYS A O   1 
ATOM   355 C CB  . LYS A 1 53 ? 5.18145   5.85298   -5.42606  1.000 38.52435 ? 52  LYS A CB  1 
ATOM   356 C CG  . LYS A 1 53 ? 6.19742   4.76653   -5.13129  1.000 46.80435 ? 52  LYS A CG  1 
ATOM   357 C CD  . LYS A 1 53 ? 7.22643   4.66553   -6.23888  1.000 51.89435 ? 52  LYS A CD  1 
ATOM   358 C CE  . LYS A 1 53 ? 8.46429   5.46533   -5.90285  1.000 46.65435 ? 52  LYS A CE  1 
ATOM   359 N NZ  . LYS A 1 53 ? 9.31121   5.71931   -7.09986  1.000 56.78435 ? 52  LYS A NZ  1 
ATOM   360 N N   . ALA A 1 54 ? 2.71269   7.85792   -5.11152  1.000 28.69345 ? 53  ALA A N   1 
ATOM   361 C CA  . ALA A 1 54 ? 2.16285   9.21216   -5.08407  1.000 27.05345 ? 53  ALA A CA  1 
ATOM   362 C C   . ALA A 1 54 ? 1.50481   9.51289   -3.74154  1.000 33.90345 ? 53  ALA A C   1 
ATOM   363 O O   . ALA A 1 54 ? 1.69485   10.59770  -3.17080  1.000 38.47345 ? 53  ALA A O   1 
ATOM   364 C CB  . ALA A 1 54 ? 1.16476   9.39963   -6.22665  1.000 36.12345 ? 53  ALA A CB  1 
ATOM   365 N N   . ALA A 1 55 ? 0.72950   8.55894   -3.21916  1.000 34.49461 ? 54  ALA A N   1 
ATOM   366 C CA  . ALA A 1 55 ? 0.11756   8.74182   -1.90608  1.000 33.72461 ? 54  ALA A CA  1 
ATOM   367 C C   . ALA A 1 55 ? 1.17605   8.93512   -0.82647  1.000 40.64461 ? 54  ALA A C   1 
ATOM   368 O O   . ALA A 1 55 ? 1.02845   9.79237   0.05271   1.000 36.18461 ? 54  ALA A O   1 
ATOM   369 C CB  . ALA A 1 55 ? -0.77978  7.55070   -1.57148  1.000 38.10461 ? 54  ALA A CB  1 
ATOM   370 N N   . ALA A 1 56 ? 2.25452   8.14914   -0.87998  1.000 41.38982 ? 55  ALA A N   1 
ATOM   371 C CA  . ALA A 1 56 ? 3.33725   8.30576   0.08576   1.000 36.82982 ? 55  ALA A CA  1 
ATOM   372 C C   . ALA A 1 56 ? 4.00972   9.66389   -0.04546  1.000 42.48982 ? 55  ALA A C   1 
ATOM   373 O O   . ALA A 1 56 ? 4.45279   10.23790  0.95547   1.000 33.95982 ? 55  ALA A O   1 
ATOM   374 C CB  . ALA A 1 56 ? 4.36350   7.18974   -0.08941  1.000 26.13982 ? 55  ALA A CB  1 
ATOM   375 N N   . ASN A 1 57 ? 4.11096   10.18449  -1.26924  1.000 42.09193 ? 56  ASN A N   1 
ATOM   376 C CA  . ASN A 1 57 ? 4.57857   11.55449  -1.44319  1.000 42.10193 ? 56  ASN A CA  1 
ATOM   377 C C   . ASN A 1 57 ? 3.63282   12.54500  -0.78335  1.000 39.03193 ? 56  ASN A C   1 
ATOM   378 O O   . ASN A 1 57 ? 4.07353   13.58285  -0.27613  1.000 35.38193 ? 56  ASN A O   1 
ATOM   379 C CB  . ASN A 1 57 ? 4.72635   11.88368  -2.92553  1.000 42.40193 ? 56  ASN A CB  1 
ATOM   380 C CG  . ASN A 1 57 ? 5.95620   11.26432  -3.53795  1.000 39.78193 ? 56  ASN A CG  1 
ATOM   381 O OD1 . ASN A 1 57 ? 7.02897   11.25616  -2.93685  1.000 36.87193 ? 56  ASN A OD1 1 
ATOM   382 N ND2 . ASN A 1 57 ? 5.81090   10.74889  -4.74867  1.000 29.06193 ? 56  ASN A ND2 1 
ATOM   383 N N   . ARG A 1 58 ? 2.33132   12.24740  -0.78637  1.000 43.26026 ? 57  ARG A N   1 
ATOM   384 C CA  . ARG A 1 58 ? 1.38260   13.10719  -0.08795  1.000 36.34026 ? 57  ARG A CA  1 
ATOM   385 C C   . ARG A 1 58 ? 1.47711   12.96767  1.42795   1.000 52.94026 ? 57  ARG A C   1 
ATOM   386 O O   . ARG A 1 58 ? 0.96279   13.82878  2.14976   1.000 43.39026 ? 57  ARG A O   1 
ATOM   387 C CB  . ARG A 1 58 ? -0.04101  12.81050  -0.55723  1.000 46.88026 ? 57  ARG A CB  1 
ATOM   388 C CG  . ARG A 1 58 ? -0.42023  13.53473  -1.83841  1.000 40.92026 ? 57  ARG A CG  1 
ATOM   389 C CD  . ARG A 1 58 ? -1.92691  13.63348  -1.99643  1.000 48.21026 ? 57  ARG A CD  1 
ATOM   390 N NE  . ARG A 1 58 ? -2.59222  12.37829  -1.67020  1.000 40.52026 ? 57  ARG A NE  1 
ATOM   391 C CZ  . ARG A 1 58 ? -2.66682  11.33524  -2.48586  1.000 45.92026 ? 57  ARG A CZ  1 
ATOM   392 N NH1 . ARG A 1 58 ? -2.12049  11.35896  -3.69084  1.000 53.33026 ? 57  ARG A NH1 1 
ATOM   393 N NH2 . ARG A 1 58 ? -3.30608  10.24083  -2.08257  1.000 40.47026 ? 57  ARG A NH2 1 
ATOM   394 N N   . TYR A 1 59 ? 2.12225   11.91369  1.92568   1.000 40.75209 ? 58  TYR A N   1 
ATOM   395 C CA  . TYR A 1 59 ? 2.37827   11.72909  3.35403   1.000 37.51209 ? 58  TYR A CA  1 
ATOM   396 C C   . TYR A 1 59 ? 3.88055   11.59746  3.59039   1.000 40.47209 ? 58  TYR A C   1 
ATOM   397 O O   . TYR A 1 59 ? 4.35305   10.57812  4.10763   1.000 34.68209 ? 58  TYR A O   1 
ATOM   398 C CB  . TYR A 1 59 ? 1.64089   10.50301  3.88617   1.000 38.51209 ? 58  TYR A CB  1 
ATOM   399 C CG  . TYR A 1 59 ? 0.14093   10.66215  3.98214   1.000 43.87209 ? 58  TYR A CG  1 
ATOM   400 C CD1 . TYR A 1 59 ? -0.67429  10.41602  2.88524   1.000 37.30209 ? 58  TYR A CD1 1 
ATOM   401 C CD2 . TYR A 1 59 ? -0.46109  11.04848  5.17250   1.000 47.44209 ? 58  TYR A CD2 1 
ATOM   402 C CE1 . TYR A 1 59 ? -2.04586  10.55666  2.96863   1.000 43.03209 ? 58  TYR A CE1 1 
ATOM   403 C CE2 . TYR A 1 59 ? -1.83238  11.19168  5.26613   1.000 35.11209 ? 58  TYR A CE2 1 
ATOM   404 C CZ  . TYR A 1 59 ? -2.61985  10.94419  4.16087   1.000 54.90209 ? 58  TYR A CZ  1 
ATOM   405 O OH  . TYR A 1 59 ? -3.98598  11.08485  4.24634   1.000 55.27209 ? 58  TYR A OH  1 
ATOM   406 N N   . PRO A 1 60 ? 4.66255   12.62399  3.23986   1.000 41.32391 ? 59  PRO A N   1 
ATOM   407 C CA  . PRO A 1 60 ? 6.12239   12.46216  3.19253   1.000 37.45391 ? 59  PRO A CA  1 
ATOM   408 C C   . PRO A 1 60 ? 6.78704   12.32225  4.54982   1.000 55.80391 ? 59  PRO A C   1 
ATOM   409 O O   . PRO A 1 60 ? 8.01728   12.23157  4.60207   1.000 47.03391 ? 59  PRO A O   1 
ATOM   410 C CB  . PRO A 1 60 ? 6.58127   13.75175  2.50217   1.000 43.39391 ? 59  PRO A CB  1 
ATOM   411 C CG  . PRO A 1 60 ? 5.58298   14.75399  2.96034   1.000 52.40391 ? 59  PRO A CG  1 
ATOM   412 C CD  . PRO A 1 60 ? 4.26610   14.01762  2.97275   1.000 51.57391 ? 59  PRO A CD  1 
ATOM   413 N N   . ASN A 1 61 ? 6.03284   12.29481  5.64578   1.000 53.64981 ? 60  ASN A N   1 
ATOM   414 C CA  . ASN A 1 61 ? 6.61895   12.34088  6.97759   1.000 44.28981 ? 60  ASN A CA  1 
ATOM   415 C C   . ASN A 1 61 ? 6.27619   11.11603  7.81283   1.000 45.37981 ? 60  ASN A C   1 
ATOM   416 O O   . ASN A 1 61 ? 6.51858   11.11414  9.02522   1.000 45.65981 ? 60  ASN A O   1 
ATOM   417 C CB  . ASN A 1 61 ? 6.17252   13.62376  7.66887   1.000 64.79981 ? 60  ASN A CB  1 
ATOM   418 C CG  . ASN A 1 61 ? 7.18982   14.72313  7.52888   1.000 59.86981 ? 60  ASN A CG  1 
ATOM   419 O OD1 . ASN A 1 61 ? 8.30951   14.49266  7.07104   1.000 65.83981 ? 60  ASN A OD1 1 
ATOM   420 N ND2 . ASN A 1 61 ? 6.75775   15.94560  7.76879   1.000 54.10981 ? 60  ASN A ND2 1 
ATOM   421 N N   . LEU A 1 62 ? 5.70546   10.08491  7.20019   1.000 55.36941 ? 61  LEU A N   1 
ATOM   422 C CA  . LEU A 1 62 ? 5.61077   8.77393   7.81742   1.000 42.98941 ? 61  LEU A CA  1 
ATOM   423 C C   . LEU A 1 62 ? 6.84389   7.96794   7.43967   1.000 60.03941 ? 61  LEU A C   1 
ATOM   424 O O   . LEU A 1 62 ? 7.31069   8.03059   6.29849   1.000 74.85941 ? 61  LEU A O   1 
ATOM   425 C CB  . LEU A 1 62 ? 4.35195   8.03922   7.35673   1.000 37.81941 ? 61  LEU A CB  1 
ATOM   426 C CG  . LEU A 1 62 ? 3.08508   8.85665   7.10789   1.000 59.40941 ? 61  LEU A CG  1 
ATOM   427 C CD1 . LEU A 1 62 ? 2.03920   7.99785   6.41205   1.000 46.40941 ? 61  LEU A CD1 1 
ATOM   428 C CD2 . LEU A 1 62 ? 2.55004   9.40801   8.41148   1.000 47.23941 ? 61  LEU A CD2 1 
ATOM   429 N N   . LYS A 1 63 ? 7.37643   7.22105   8.40151   1.000 51.98449 ? 62  LYS A N   1 
ATOM   430 C CA  . LYS A 1 63 ? 8.50056   6.34348   8.11664   1.000 74.20449 ? 62  LYS A CA  1 
ATOM   431 C C   . LYS A 1 63 ? 7.99955   4.98304   7.63366   1.000 64.65449 ? 62  LYS A C   1 
ATOM   432 O O   . LYS A 1 63 ? 6.79466   4.71563   7.58345   1.000 68.14449 ? 62  LYS A O   1 
ATOM   433 C CB  . LYS A 1 63 ? 9.41551   6.20033   9.33505   1.000 60.08449 ? 62  LYS A CB  1 
ATOM   434 C CG  . LYS A 1 63 ? 8.76951   5.63473   10.56570  1.000 62.67449 ? 62  LYS A CG  1 
ATOM   435 C CD  . LYS A 1 63 ? 9.08299   6.52820   11.74821  1.000 62.92449 ? 62  LYS A CD  1 
ATOM   436 C CE  . LYS A 1 63 ? 8.92410   5.80269   13.07025  1.000 67.04449 ? 62  LYS A CE  1 
ATOM   437 N NZ  . LYS A 1 63 ? 10.12587  5.00064   13.43445  1.000 75.83449 ? 62  LYS A NZ  1 
ATOM   438 N N   . ASP A 1 64 ? 8.94998   4.12820   7.25216   1.000 70.38205 ? 63  ASP A N   1 
ATOM   439 C CA  . ASP A 1 64 ? 8.61038   2.99872   6.39670   1.000 68.05205 ? 63  ASP A CA  1 
ATOM   440 C C   . ASP A 1 64 ? 8.16363   1.76846   7.17976   1.000 60.29205 ? 63  ASP A C   1 
ATOM   441 O O   . ASP A 1 64 ? 7.44986   0.92207   6.62741   1.000 63.64205 ? 63  ASP A O   1 
ATOM   442 C CB  . ASP A 1 64 ? 9.80553   2.64988   5.49402   1.000 47.44205 ? 63  ASP A CB  1 
ATOM   443 C CG  . ASP A 1 64 ? 10.11749  3.72034   4.44482   1.000 75.76205 ? 63  ASP A CG  1 
ATOM   444 O OD1 . ASP A 1 64 ? 9.51794   3.70470   3.34095   1.000 75.64205 ? 63  ASP A OD1 1 
ATOM   445 O OD2 . ASP A 1 64 ? 10.95320  4.59651   4.71493   1.000 78.39205 ? 63  ASP A OD2 1 
ATOM   446 N N   . ASP A 1 65 ? 8.56921   1.64579   8.44585   0.892 60.17606 ? 64  ASP A N   1 
ATOM   447 C CA  . ASP A 1 65 ? 8.47783   0.35558   9.12464   0.892 60.17606 ? 64  ASP A CA  1 
ATOM   448 C C   . ASP A 1 65 ? 7.04253   -0.16403  9.17575   0.892 60.17606 ? 64  ASP A C   1 
ATOM   449 O O   . ASP A 1 65 ? 6.79312   -1.35570  8.93381   0.892 60.17606 ? 64  ASP A O   1 
ATOM   450 C CB  . ASP A 1 65 ? 9.06822   0.47387   10.53160  0.892 60.17606 ? 64  ASP A CB  1 
ATOM   451 N N   . ALA A 1 66 ? 6.08942   0.71717   9.48761   1.000 64.38546 ? 65  ALA A N   1 
ATOM   452 C CA  . ALA A 1 66 ? 4.68722   0.32099   9.53940   1.000 62.94546 ? 65  ALA A CA  1 
ATOM   453 C C   . ALA A 1 66 ? 4.22035   -0.23528  8.20576   1.000 60.26546 ? 65  ALA A C   1 
ATOM   454 O O   . ALA A 1 66 ? 3.58024   -1.29060  8.14500   1.000 54.19546 ? 65  ALA A O   1 
ATOM   455 C CB  . ALA A 1 66 ? 3.83140   1.51634   9.92099   1.000 60.23546 ? 65  ALA A CB  1 
ATOM   456 N N   . ALA A 1 67 ? 4.49531   0.49335   7.12677   1.000 51.90377 ? 66  ALA A N   1 
ATOM   457 C CA  . ALA A 1 67 ? 4.11241   0.02385   5.80590   1.000 53.58377 ? 66  ALA A CA  1 
ATOM   458 C C   . ALA A 1 67 ? 4.86030   -1.24968  5.43777   1.000 50.59377 ? 66  ALA A C   1 
ATOM   459 O O   . ALA A 1 67 ? 4.34939   -2.07027  4.66764   1.000 64.01377 ? 66  ALA A O   1 
ATOM   460 C CB  . ALA A 1 67 ? 4.36016   1.13198   4.78550   1.000 58.73377 ? 66  ALA A CB  1 
ATOM   461 N N   . GLN A 1 68 ? 6.05804   -1.44371  5.99500   1.000 55.33475 ? 67  GLN A N   1 
ATOM   462 C CA  . GLN A 1 68 ? 6.79159   -2.68098  5.75197   1.000 57.48475 ? 67  GLN A CA  1 
ATOM   463 C C   . GLN A 1 68 ? 6.11388   -3.86559  6.42862   1.000 53.58475 ? 67  GLN A C   1 
ATOM   464 O O   . GLN A 1 68 ? 6.06725   -4.96540  5.86575   1.000 57.06475 ? 67  GLN A O   1 
ATOM   465 C CB  . GLN A 1 68 ? 8.23592   -2.54210  6.23426   1.000 48.00475 ? 67  GLN A CB  1 
ATOM   466 C CG  . GLN A 1 68 ? 9.20236   -2.02584  5.17865   1.000 60.44475 ? 67  GLN A CG  1 
ATOM   467 C CD  . GLN A 1 68 ? 9.62607   -3.10005  4.19137   1.000 70.04475 ? 67  GLN A CD  1 
ATOM   468 O OE1 . GLN A 1 68 ? 9.12294   -4.22362  4.22027   1.000 80.06475 ? 67  GLN A OE1 1 
ATOM   469 N NE2 . GLN A 1 68 ? 10.55789  -2.75675  3.31021   1.000 47.37475 ? 67  GLN A NE2 1 
ATOM   470 N N   . SER A 1 69 ? 5.58264   -3.66033  7.63403   1.000 44.26648 ? 68  SER A N   1 
ATOM   471 C CA  . SER A 1 69 ? 4.90813   -4.72353  8.36920   1.000 50.45648 ? 68  SER A CA  1 
ATOM   472 C C   . SER A 1 69 ? 3.44167   -4.87785  7.98528   1.000 49.62648 ? 68  SER A C   1 
ATOM   473 O O   . SER A 1 69 ? 2.81623   -5.86783  8.37975   1.000 47.52648 ? 68  SER A O   1 
ATOM   474 C CB  . SER A 1 69 ? 5.01802   -4.46814  9.87411   1.000 57.82648 ? 68  SER A CB  1 
ATOM   475 O OG  . SER A 1 69 ? 3.84881   -3.83927  10.36943  1.000 71.11648 ? 68  SER A OG  1 
ATOM   476 N N   . LEU A 1 70 ? 2.88384   -3.92243  7.24484   1.000 58.71850 ? 69  LEU A N   1 
ATOM   477 C CA  . LEU A 1 70 ? 1.47632   -4.00308  6.86271   1.000 49.00850 ? 69  LEU A CA  1 
ATOM   478 C C   . LEU A 1 70 ? 1.12518   -5.23181  6.02723   1.000 52.74850 ? 69  LEU A C   1 
ATOM   479 O O   . LEU A 1 70 ? 0.07641   -5.84161  6.30128   1.000 37.83850 ? 69  LEU A O   1 
ATOM   480 C CB  . LEU A 1 70 ? 1.07235   -2.71696  6.12885   1.000 45.12850 ? 69  LEU A CB  1 
ATOM   481 C CG  . LEU A 1 70 ? -0.41454  -2.56230  5.80526   1.000 44.23850 ? 69  LEU A CG  1 
ATOM   482 C CD1 . LEU A 1 70 ? -1.24096  -2.53043  7.08105   1.000 35.06850 ? 69  LEU A CD1 1 
ATOM   483 C CD2 . LEU A 1 70 ? -0.65601  -1.31196  4.97433   1.000 59.24850 ? 69  LEU A CD2 1 
ATOM   484 N N   . PRO A 1 71 ? 1.90456   -5.64158  5.01511   1.000 44.30111 ? 70  PRO A N   1 
ATOM   485 C CA  . PRO A 1 71 ? 1.49395   -6.82727  4.24102   1.000 48.37111 ? 70  PRO A CA  1 
ATOM   486 C C   . PRO A 1 71 ? 1.43001   -8.10129  5.06532   1.000 57.40111 ? 70  PRO A C   1 
ATOM   487 O O   . PRO A 1 71 ? 0.48682   -8.88668  4.90731   1.000 54.84111 ? 70  PRO A O   1 
ATOM   488 C CB  . PRO A 1 71 ? 2.56334   -6.91461  3.14180   1.000 51.06111 ? 70  PRO A CB  1 
ATOM   489 C CG  . PRO A 1 71 ? 3.10726   -5.54112  3.03234   1.000 62.31111 ? 70  PRO A CG  1 
ATOM   490 C CD  . PRO A 1 71 ? 3.10133   -5.01179  4.42881   1.000 47.24111 ? 70  PRO A CD  1 
ATOM   491 N N   . SER A 1 72 ? 2.40796   -8.32937  5.94554   1.000 64.09093 ? 71  SER A N   1 
ATOM   492 C CA  . SER A 1 72 ? 2.41367   -9.55297  6.74181   1.000 52.82093 ? 71  SER A CA  1 
ATOM   493 C C   . SER A 1 72 ? 1.29742   -9.54707  7.77912   1.000 54.31093 ? 71  SER A C   1 
ATOM   494 O O   . SER A 1 72 ? 0.70348   -10.59329 8.06534   1.000 62.12093 ? 71  SER A O   1 
ATOM   495 C CB  . SER A 1 72 ? 3.77316   -9.73315  7.41710   1.000 72.53093 ? 71  SER A CB  1 
ATOM   496 O OG  . SER A 1 72 ? 4.73434   -10.23531 6.50468   1.000 96.71093 ? 71  SER A OG  1 
ATOM   497 N N   . LYS A 1 73 ? 0.99825   -8.37930  8.35296   1.000 57.90449 ? 72  LYS A N   1 
ATOM   498 C CA  . LYS A 1 73 ? -0.05850  -8.29439  9.35533   1.000 46.97449 ? 72  LYS A CA  1 
ATOM   499 C C   . LYS A 1 73 ? -1.43442  -8.52890  8.74634   1.000 49.92449 ? 72  LYS A C   1 
ATOM   500 O O   . LYS A 1 73 ? -2.34612  -8.99395  9.43940   1.000 53.21449 ? 72  LYS A O   1 
ATOM   501 C CB  . LYS A 1 73 ? -0.01540  -6.93123  10.04555  1.000 48.11449 ? 72  LYS A CB  1 
ATOM   502 C CG  . LYS A 1 73 ? 0.67657   -6.92906  11.39682  1.000 45.97449 ? 72  LYS A CG  1 
ATOM   503 C CD  . LYS A 1 73 ? 1.49138   -5.65759  11.57870  1.000 68.05449 ? 72  LYS A CD  1 
ATOM   504 C CE  . LYS A 1 73 ? 1.84991   -5.42000  13.03498  1.000 46.22449 ? 72  LYS A CE  1 
ATOM   505 N NZ  . LYS A 1 73 ? 3.17348   -5.99720  13.39657  1.000 68.75449 ? 72  LYS A NZ  1 
ATOM   506 N N   . CYS A 1 74 ? -1.60471  -8.21690  7.46370   1.000 41.10217 ? 73  CYS A N   1 
ATOM   507 C CA  . CYS A 1 74 ? -2.89035  -8.34028  6.79233   1.000 52.41217 ? 73  CYS A CA  1 
ATOM   508 C C   . CYS A 1 74 ? -3.03737  -9.64049  6.01471   1.000 53.93217 ? 73  CYS A C   1 
ATOM   509 O O   . CYS A 1 74 ? -4.07383  -9.85035  5.37723   1.000 53.84217 ? 73  CYS A O   1 
ATOM   510 C CB  . CYS A 1 74 ? -3.10665  -7.14957  5.85417   1.000 47.66217 ? 73  CYS A CB  1 
ATOM   511 S SG  . CYS A 1 74 ? -3.52891  -5.62290  6.71582   1.000 47.56217 ? 73  CYS A SG  1 
ATOM   512 N N   . GLY A 1 75 ? -2.03577  -10.51191 6.04878   1.000 53.73259 ? 74  GLY A N   1 
ATOM   513 C CA  . GLY A 1 75 ? -2.13477  -11.78537 5.36265   1.000 65.32259 ? 74  GLY A CA  1 
ATOM   514 C C   . GLY A 1 75 ? -1.94180  -11.71612 3.86471   1.000 56.07259 ? 74  GLY A C   1 
ATOM   515 O O   . GLY A 1 75 ? -2.65586  -12.39816 3.11927   1.000 65.01259 ? 74  GLY A O   1 
ATOM   516 N N   . ILE A 1 76 ? -1.00396  -10.89205 3.39531   1.000 56.75489 ? 75  ILE A N   1 
ATOM   517 C CA  . ILE A 1 76 ? -0.64329  -10.83308 1.98630   1.000 61.24489 ? 75  ILE A CA  1 
ATOM   518 C C   . ILE A 1 76 ? 0.87439   -10.87364 1.87672   1.000 65.48489 ? 75  ILE A C   1 
ATOM   519 O O   . ILE A 1 76 ? 1.60012   -10.66877 2.85258   1.000 76.41489 ? 75  ILE A O   1 
ATOM   520 C CB  . ILE A 1 76 ? -1.20058  -9.57927  1.27037   1.000 52.94489 ? 75  ILE A CB  1 
ATOM   521 C CG1 . ILE A 1 76 ? -0.25983  -8.38725  1.45430   1.000 57.27489 ? 75  ILE A CG1 1 
ATOM   522 C CG2 . ILE A 1 76 ? -2.60120  -9.23894  1.76351   1.000 58.99489 ? 75  ILE A CG2 1 
ATOM   523 N N   . SER A 1 77 ? 1.34902   -11.15043 0.66468   1.000 59.43331 ? 76  SER A N   1 
ATOM   524 C CA  . SER A 1 77 ? 2.77470   -11.18153 0.37897   1.000 65.54331 ? 76  SER A CA  1 
ATOM   525 C C   . SER A 1 77 ? 3.02893   -10.46376 -0.93612  1.000 69.31331 ? 76  SER A C   1 
ATOM   526 O O   . SER A 1 77 ? 2.30533   -10.66756 -1.91479  1.000 67.07331 ? 76  SER A O   1 
ATOM   527 C CB  . SER A 1 77 ? 3.30675   -12.61871 0.31058   1.000 69.14331 ? 76  SER A CB  1 
ATOM   528 O OG  . SER A 1 77 ? 4.69673   -12.63556 0.03396   1.000 68.48331 ? 76  SER A OG  1 
ATOM   529 N N   . LEU A 1 78 ? 4.05800   -9.62488  -0.95302  1.000 59.65825 ? 77  LEU A N   1 
ATOM   530 C CA  . LEU A 1 78 ? 4.38643   -8.81923  -2.11587  1.000 51.69825 ? 77  LEU A CA  1 
ATOM   531 C C   . LEU A 1 78 ? 5.77339   -9.18126  -2.62900  1.000 57.08825 ? 77  LEU A C   1 
ATOM   532 O O   . LEU A 1 78 ? 6.61843   -9.70113  -1.89322  1.000 49.73825 ? 77  LEU A O   1 
ATOM   533 C CB  . LEU A 1 78 ? 4.31554   -7.32472  -1.78788  1.000 47.51825 ? 77  LEU A CB  1 
ATOM   534 C CG  . LEU A 1 78 ? 2.89655   -6.78598  -1.59418  1.000 50.02825 ? 77  LEU A CG  1 
ATOM   535 C CD1 . LEU A 1 78 ? 2.91195   -5.28247  -1.38130  1.000 43.05825 ? 77  LEU A CD1 1 
ATOM   536 C CD2 . LEU A 1 78 ? 2.02280   -7.15318  -2.78614  1.000 65.95825 ? 77  LEU A CD2 1 
ATOM   537 N N   . ASN A 1 79 ? 5.99962   -8.89340  -3.90909  1.000 54.45375 ? 78  ASN A N   1 
ATOM   538 C CA  . ASN A 1 79 ? 7.28740   -9.13280  -4.54376  1.000 50.97375 ? 78  ASN A CA  1 
ATOM   539 C C   . ASN A 1 79 ? 8.17650   -7.89550  -4.54913  1.000 59.38375 ? 78  ASN A C   1 
ATOM   540 O O   . ASN A 1 79 ? 9.23484   -7.91150  -5.18377  1.000 41.79375 ? 78  ASN A O   1 
ATOM   541 C CB  . ASN A 1 79 ? 7.07846   -9.63514  -5.97664  1.000 61.12375 ? 78  ASN A CB  1 
ATOM   542 C CG  . ASN A 1 79 ? 6.61200   -11.07985 -6.02674  1.000 53.69375 ? 78  ASN A CG  1 
ATOM   543 O OD1 . ASN A 1 79 ? 6.95433   -11.88855 -5.16019  1.000 55.67375 ? 78  ASN A OD1 1 
ATOM   544 N ND2 . ASN A 1 79 ? 5.81382   -11.40602 -7.03620  1.000 65.31375 ? 78  ASN A ND2 1 
ATOM   545 N N   . VAL A 1 80 ? 7.78328   -6.83224  -3.85465  1.000 47.74184 ? 79  VAL A N   1 
ATOM   546 C CA  . VAL A 1 80 ? 8.62252   -5.64161  -3.74300  1.000 50.82184 ? 79  VAL A CA  1 
ATOM   547 C C   . VAL A 1 80 ? 8.72370   -5.23225  -2.27874  1.000 64.07184 ? 79  VAL A C   1 
ATOM   548 O O   . VAL A 1 80 ? 7.79545   -5.49740  -1.50144  1.000 51.21184 ? 79  VAL A O   1 
ATOM   549 C CB  . VAL A 1 80 ? 8.07932   -4.48973  -4.60439  1.000 61.49184 ? 79  VAL A CB  1 
ATOM   550 C CG1 . VAL A 1 80 ? 8.52011   -4.65007  -6.04592  1.000 38.92184 ? 79  VAL A CG1 1 
ATOM   551 C CG2 . VAL A 1 80 ? 6.56165   -4.42066  -4.52112  1.000 53.57184 ? 79  VAL A CG2 1 
ATOM   552 N N   . PRO A 1 81 ? 9.82648   -4.61367  -1.85594  1.000 55.47807 ? 80  PRO A N   1 
ATOM   553 C CA  . PRO A 1 81 ? 9.85357   -3.98888  -0.53093  1.000 37.20807 ? 80  PRO A CA  1 
ATOM   554 C C   . PRO A 1 81 ? 8.89536   -2.81361  -0.49613  1.000 47.01807 ? 80  PRO A C   1 
ATOM   555 O O   . PRO A 1 81 ? 8.61798   -2.18361  -1.51916  1.000 48.47807 ? 80  PRO A O   1 
ATOM   556 C CB  . PRO A 1 81 ? 11.30523  -3.51592  -0.38061  1.000 37.32807 ? 80  PRO A CB  1 
ATOM   557 C CG  . PRO A 1 81 ? 11.84620  -3.46950  -1.76606  1.000 25.72807 ? 80  PRO A CG  1 
ATOM   558 C CD  . PRO A 1 81 ? 11.12535  -4.52347  -2.54374  1.000 44.08807 ? 80  PRO A CD  1 
ATOM   559 N N   . ILE A 1 82 ? 8.37862   -2.52029  0.69360   1.000 47.64055 ? 81  ILE A N   1 
ATOM   560 C CA  . ILE A 1 82 ? 7.54580   -1.33983  0.89376   1.000 47.87055 ? 81  ILE A CA  1 
ATOM   561 C C   . ILE A 1 82 ? 8.50566   -0.19314  1.19229   1.000 54.83055 ? 81  ILE A C   1 
ATOM   562 O O   . ILE A 1 82 ? 8.91856   -0.00218  2.33788   1.000 62.80055 ? 81  ILE A O   1 
ATOM   563 C CB  . ILE A 1 82 ? 6.53506   -1.53929  2.02394   1.000 52.66055 ? 81  ILE A CB  1 
ATOM   564 C CG1 . ILE A 1 82 ? 5.87774   -2.91170  1.91245   1.000 51.39055 ? 81  ILE A CG1 1 
ATOM   565 C CG2 . ILE A 1 82 ? 5.45829   -0.48891  1.98256   1.000 54.60055 ? 81  ILE A CG2 1 
ATOM   566 C CD1 . ILE A 1 82 ? 4.76980   -3.00071  0.88683   1.000 52.17055 ? 81  ILE A CD1 1 
ATOM   567 N N   . SER A 1 83 ? 8.87350   0.56771   0.15978   1.000 42.88863 ? 82  SER A N   1 
ATOM   568 C CA  . SER A 1 83 ? 9.81785   1.66248   0.33166   1.000 40.60863 ? 82  SER A CA  1 
ATOM   569 C C   . SER A 1 83 ? 9.48106   2.80205   -0.61844  1.000 48.13863 ? 82  SER A C   1 
ATOM   570 O O   . SER A 1 83 ? 9.01028   2.58530   -1.74017  1.000 43.33863 ? 82  SER A O   1 
ATOM   571 C CB  . SER A 1 83 ? 11.25917  1.19733   0.09196   1.000 51.46863 ? 82  SER A CB  1 
ATOM   572 O OG  . SER A 1 83 ? 12.18919  2.26279   0.21926   1.000 58.21863 ? 82  SER A OG  1 
ATOM   573 N N   . ARG A 1 84 ? 9.75980   4.02241   -0.15663  1.000 42.11142 ? 83  ARG A N   1 
ATOM   574 C CA  . ARG A 1 84 ? 9.52138   5.20771   -0.96940  1.000 44.05142 ? 83  ARG A CA  1 
ATOM   575 C C   . ARG A 1 84 ? 10.37017  5.21575   -2.22986  1.000 47.21142 ? 83  ARG A C   1 
ATOM   576 O O   . ARG A 1 84 ? 9.99792   5.84695   -3.22679  1.000 42.31142 ? 83  ARG A O   1 
ATOM   577 C CB  . ARG A 1 84 ? 9.81404   6.45052   -0.14010  1.000 49.11142 ? 83  ARG A CB  1 
ATOM   578 C CG  . ARG A 1 84 ? 8.73167   6.76325   0.85253   1.000 56.88142 ? 83  ARG A CG  1 
ATOM   579 C CD  . ARG A 1 84 ? 9.20585   7.71420   1.93215   1.000 55.03142 ? 83  ARG A CD  1 
ATOM   580 N NE  . ARG A 1 84 ? 8.17985   7.88615   2.95301   1.000 51.03142 ? 83  ARG A NE  1 
ATOM   581 C CZ  . ARG A 1 84 ? 7.08442   8.60970   2.76826   1.000 42.24142 ? 83  ARG A CZ  1 
ATOM   582 N NH1 . ARG A 1 84 ? 6.85684   9.23854   1.62492   1.000 42.22142 ? 83  ARG A NH1 1 
ATOM   583 N NH2 . ARG A 1 84 ? 6.19847   8.71104   3.75213   1.000 60.79142 ? 83  ARG A NH2 1 
ATOM   584 N N   . THR A 1 85 ? 11.51420  4.53666   -2.20322  1.000 45.51404 ? 84  THR A N   1 
ATOM   585 C CA  . THR A 1 85 ? 12.52441  4.70368   -3.23909  1.000 37.98404 ? 84  THR A CA  1 
ATOM   586 C C   . THR A 1 85 ? 12.56537  3.55559   -4.24005  1.000 36.31404 ? 84  THR A C   1 
ATOM   587 O O   . THR A 1 85 ? 13.47420  3.52388   -5.07480  1.000 35.04404 ? 84  THR A O   1 
ATOM   588 C CB  . THR A 1 85 ? 13.91278  4.88270   -2.60115  1.000 40.83404 ? 84  THR A CB  1 
ATOM   589 O OG1 . THR A 1 85 ? 14.22369  3.74108   -1.77538  1.000 29.58404 ? 84  THR A OG1 1 
ATOM   590 C CG2 . THR A 1 85 ? 13.97465  6.16194   -1.76095  1.000 32.21404 ? 84  THR A CG2 1 
ATOM   591 N N   . ILE A 1 86 ? 11.60971  2.62103   -4.18346  1.000 34.22859 ? 85  ILE A N   1 
ATOM   592 C CA  . ILE A 1 86 ? 11.54872  1.56340   -5.18534  1.000 41.94859 ? 85  ILE A CA  1 
ATOM   593 C C   . ILE A 1 86 ? 11.09970  2.15649   -6.51431  1.000 31.38859 ? 85  ILE A C   1 
ATOM   594 O O   . ILE A 1 86 ? 10.33906  3.13041   -6.56048  1.000 43.53859 ? 85  ILE A O   1 
ATOM   595 C CB  . ILE A 1 86 ? 10.60731  0.42041   -4.75839  1.000 53.57859 ? 85  ILE A CB  1 
ATOM   596 C CG1 . ILE A 1 86 ? 9.15884   0.90938   -4.63407  1.000 33.37859 ? 85  ILE A CG1 1 
ATOM   597 C CG2 . ILE A 1 86 ? 11.07622  -0.20261  -3.44376  1.000 37.98859 ? 85  ILE A CG2 1 
ATOM   598 C CD1 . ILE A 1 86 ? 8.17534   -0.23847  -4.47553  1.000 52.19859 ? 85  ILE A CD1 1 
ATOM   599 N N   . ASN A 1 87 ? 11.58075  1.57288   -7.60865  1.000 44.89617 ? 86  ASN A N   1 
ATOM   600 C CA  . ASN A 1 87 ? 11.15378  1.95419   -8.94799  1.000 32.21617 ? 86  ASN A CA  1 
ATOM   601 C C   . ASN A 1 87 ? 10.07055  0.97738   -9.38540  1.000 32.21617 ? 86  ASN A C   1 
ATOM   602 O O   . ASN A 1 87 ? 10.34420  -0.21517  -9.56069  1.000 37.40617 ? 86  ASN A O   1 
ATOM   603 C CB  . ASN A 1 87 ? 12.32468  1.94082   -9.92957  1.000 45.42617 ? 86  ASN A CB  1 
ATOM   604 C CG  . ASN A 1 87 ? 12.06682  2.79996   -11.15047 1.000 53.79617 ? 86  ASN A CG  1 
ATOM   605 O OD1 . ASN A 1 87 ? 10.95779  2.82044   -11.68329 1.000 50.20617 ? 86  ASN A OD1 1 
ATOM   606 N ND2 . ASN A 1 87 ? 13.09199  3.52388   -11.59631 1.000 41.76617 ? 86  ASN A ND2 1 
ATOM   607 N N   . CYS A 1 88 ? 8.84294   1.48248   -9.54952  1.000 46.24757 ? 87  CYS A N   1 
ATOM   608 C CA  . CYS A 1 88 ? 7.70517   0.60658   -9.81335  1.000 44.18757 ? 87  CYS A CA  1 
ATOM   609 C C   . CYS A 1 88 ? 7.75332   0.00421   -11.21295 1.000 59.22757 ? 87  CYS A C   1 
ATOM   610 O O   . CYS A 1 88 ? 7.25136   -1.10549  -11.42530 1.000 46.43757 ? 87  CYS A O   1 
ATOM   611 C CB  . CYS A 1 88 ? 6.40291   1.37593   -9.62100  1.000 38.57757 ? 87  CYS A CB  1 
ATOM   612 S SG  . CYS A 1 88 ? 6.06477   1.87652   -7.92028  1.000 40.58757 ? 87  CYS A SG  1 
ATOM   613 N N   . ASP A 1 89 ? 8.33853   0.71161   -12.17504 0.774 48.71755 ? 88  ASP A N   1 
ATOM   614 C CA  . ASP A 1 89 ? 8.28573   0.31391   -13.57550 0.774 36.84755 ? 88  ASP A CA  1 
ATOM   615 C C   . ASP A 1 89 ? 9.43585   -0.59641  -13.99087 0.774 47.80755 ? 88  ASP A C   1 
ATOM   616 O O   . ASP A 1 89 ? 9.59987   -0.85363  -15.18742 0.774 49.43755 ? 88  ASP A O   1 
ATOM   617 C CB  . ASP A 1 89 ? 8.25931   1.55681   -14.46672 0.774 38.45755 ? 88  ASP A CB  1 
ATOM   618 C CG  . ASP A 1 89 ? 6.92939   2.27905   -14.41218 0.774 52.60755 ? 88  ASP A CG  1 
ATOM   619 O OD1 . ASP A 1 89 ? 6.59881   2.83638   -13.34550 0.774 47.45755 ? 88  ASP A OD1 1 
ATOM   620 O OD2 . ASP A 1 89 ? 6.21532   2.29165   -15.43557 0.774 60.73755 ? 88  ASP A OD2 1 
ATOM   621 N N   . THR A 1 90 ? 10.23114  -1.09080  -13.04156 1.000 44.21912 ? 89  THR A N   1 
ATOM   622 C CA  . THR A 1 90 ? 11.34583  -1.99781  -13.32859 1.000 63.07912 ? 89  THR A CA  1 
ATOM   623 C C   . THR A 1 90 ? 11.27482  -3.15313  -12.33249 1.000 57.66912 ? 89  THR A C   1 
ATOM   624 O O   . THR A 1 90 ? 11.89176  -3.10145  -11.26509 1.000 56.42912 ? 89  THR A O   1 
ATOM   625 C CB  . THR A 1 90 ? 12.68956  -1.27048  -13.25436 1.000 57.70912 ? 89  THR A CB  1 
ATOM   626 O OG1 . THR A 1 90 ? 12.81220  -0.61603  -11.98521 1.000 65.65912 ? 89  THR A OG1 1 
ATOM   627 C CG2 . THR A 1 90 ? 12.80666  -0.23674  -14.36787 1.000 55.55912 ? 89  THR A CG2 1 
ATOM   628 N N   . ILE A 1 91 ? 10.52350  -4.19360  -12.68317 1.000 59.85976 ? 90  ILE A N   1 
ATOM   629 C CA  . ILE A 1 91 ? 10.34172  -5.33833  -11.79586 1.000 68.53976 ? 90  ILE A CA  1 
ATOM   630 C C   . ILE A 1 91 ? 10.91188  -6.61368  -12.41220 1.000 80.14976 ? 90  ILE A C   1 
ATOM   631 O O   . ILE A 1 91 ? 10.98695  -6.75315  -13.63390 1.000 82.52976 ? 90  ILE A O   1 
ATOM   632 C CB  . ILE A 1 91 ? 8.85371   -5.52864  -11.43305 1.000 66.12976 ? 90  ILE A CB  1 
ATOM   633 C CG1 . ILE A 1 91 ? 8.10470   -6.23601  -12.56447 1.000 57.91976 ? 90  ILE A CG1 1 
ATOM   634 C CG2 . ILE A 1 91 ? 8.20390   -4.19118  -11.12159 1.000 70.25976 ? 90  ILE A CG2 1 
ATOM   635 C CD1 . ILE A 1 91 ? 6.63866   -6.46855  -12.27335 1.000 65.88976 ? 90  ILE A CD1 1 
HETATM 636 O O1  . DAO B 2 .  ? 5.33441   5.09670   4.61459   0.839 75.13145 ? 101 DAO A O1  1 
HETATM 637 O O2  . DAO B 2 .  ? 3.44000   5.51843   3.61693   0.839 63.16145 ? 101 DAO A O2  1 
HETATM 638 C C1  . DAO B 2 .  ? 4.54051   4.91057   3.65673   0.839 68.26145 ? 101 DAO A C1  1 
HETATM 639 C C2  . DAO B 2 .  ? 4.91851   3.95246   2.53494   0.839 66.55145 ? 101 DAO A C2  1 
HETATM 640 C C3  . DAO B 2 .  ? 6.06194   4.57069   1.73985   0.839 56.44145 ? 101 DAO A C3  1 
HETATM 641 C C4  . DAO B 2 .  ? 5.94954   4.09780   0.29758   0.839 56.09145 ? 101 DAO A C4  1 
HETATM 642 C C5  . DAO B 2 .  ? 6.27569   2.61360   0.28163   0.839 49.31145 ? 101 DAO A C5  1 
HETATM 643 C C6  . DAO B 2 .  ? 5.42195   1.93244   -0.77574  0.839 66.10145 ? 101 DAO A C6  1 
HETATM 644 C C7  . DAO B 2 .  ? 5.74193   2.47861   -2.16576  0.839 60.78145 ? 101 DAO A C7  1 
HETATM 645 C C8  . DAO B 2 .  ? 5.45389   1.43654   -3.25003  0.839 80.78145 ? 101 DAO A C8  1 
HETATM 646 C C9  . DAO B 2 .  ? 4.41879   0.39597   -2.82014  0.839 65.55145 ? 101 DAO A C9  1 
HETATM 647 C C10 . DAO B 2 .  ? 5.06884   -0.93993  -2.45942  0.839 58.66145 ? 101 DAO A C10 1 
HETATM 648 C C11 . DAO B 2 .  ? 3.96370   -1.98011  -2.35839  0.839 64.15145 ? 101 DAO A C11 1 
HETATM 649 C C12 . DAO B 2 .  ? 3.72818   -2.52810  -3.75735  0.839 59.56145 ? 101 DAO A C12 1 
HETATM 650 O O1  . DAO C 2 .  ? 2.36483   0.31910   2.37982   0.723 66.64987 ? 102 DAO A O1  1 
HETATM 651 O O2  . DAO C 2 .  ? 0.96381   1.86510   1.74762   0.723 72.65987 ? 102 DAO A O2  1 
HETATM 652 C C1  . DAO C 2 .  ? 1.28074   0.64937   1.83456   0.723 47.52987 ? 102 DAO A C1  1 
HETATM 653 C C2  . DAO C 2 .  ? 0.35138   -0.42649  1.28085   0.723 48.11987 ? 102 DAO A C2  1 
HETATM 654 C C3  . DAO C 2 .  ? 1.18618   -1.59089  0.75246   0.723 55.46987 ? 102 DAO A C3  1 
HETATM 655 C C4  . DAO C 2 .  ? 0.27673   -2.77753  0.44123   0.723 52.20987 ? 102 DAO A C4  1 
HETATM 656 C C5  . DAO C 2 .  ? -0.84807  -2.33242  -0.49031  0.723 49.17987 ? 102 DAO A C5  1 
HETATM 657 C C6  . DAO C 2 .  ? -1.44808  -3.55446  -1.18096  0.723 43.12987 ? 102 DAO A C6  1 
HETATM 658 C C7  . DAO C 2 .  ? -0.53588  -3.99098  -2.32530  0.723 52.14987 ? 102 DAO A C7  1 
HETATM 659 C C8  . DAO C 2 .  ? -1.33674  -4.02883  -3.62531  0.723 54.12987 ? 102 DAO A C8  1 
HETATM 660 C C9  . DAO C 2 .  ? -0.48860  -4.65202  -4.73250  0.723 56.08987 ? 102 DAO A C9  1 
HETATM 661 C C10 . DAO C 2 .  ? 0.03089   -3.55672  -5.66072  0.723 48.02987 ? 102 DAO A C10 1 
HETATM 662 C C11 . DAO C 2 .  ? 0.91687   -4.17558  -6.73999  0.723 48.39987 ? 102 DAO A C11 1 
HETATM 663 C C12 . DAO C 2 .  ? 2.26417   -4.58289  -6.14952  0.723 52.07987 ? 102 DAO A C12 1 
HETATM 664 O O   . HOH D 3 .  ? -1.23447  -4.70773  -20.05068 1.000 56.14525 ? 201 HOH A O   1 
HETATM 665 O O   . HOH D 3 .  ? -5.65794  1.86097   10.61749  1.000 46.35478 ? 202 HOH A O   1 
HETATM 666 O O   . HOH D 3 .  ? 6.49544   -12.26624 7.49864   1.000 57.78797 ? 203 HOH A O   1 
HETATM 667 O O   . HOH D 3 .  ? -10.05289 -4.44211  13.83121  1.000 47.49697 ? 204 HOH A O   1 
HETATM 668 O O   . HOH D 3 .  ? -3.59112  -5.22161  -18.35977 1.000 49.36935 ? 205 HOH A O   1 
HETATM 669 O O   . HOH D 3 .  ? -0.65619  -12.18196 -2.03737  1.000 52.76724 ? 206 HOH A O   1 
HETATM 670 O O   . HOH D 3 .  ? 4.12604   -7.65045  -6.16648  1.000 53.01056 ? 207 HOH A O   1 
HETATM 671 O O   . HOH D 3 .  ? -8.97337  -0.32607  10.48362  1.000 41.83809 ? 208 HOH A O   1 
HETATM 672 O O   . HOH D 3 .  ? 8.92214   -12.29812 -2.28198  1.000 57.30832 ? 209 HOH A O   1 
HETATM 673 O O   . HOH D 3 .  ? 7.99236   -7.13652  1.61529   1.000 53.57113 ? 210 HOH A O   1 
HETATM 674 O O   . HOH D 3 .  ? -4.47355  1.96610   15.15630  1.000 51.89395 ? 211 HOH A O   1 
HETATM 675 O O   . HOH D 3 .  ? -10.63892 6.86636   6.89079   1.000 59.55801 ? 212 HOH A O   1 
HETATM 676 O O   . HOH D 3 .  ? -4.60175  -1.28185  -17.88539 1.000 44.54647 ? 213 HOH A O   1 
# 
